data_1Z1N
#
_entry.id   1Z1N
#
_cell.length_a   88.889
_cell.length_b   90.799
_cell.length_c   83.934
_cell.angle_alpha   90.00
_cell.angle_beta   90.00
_cell.angle_gamma   90.00
#
_symmetry.space_group_name_H-M   'P 21 21 2'
#
loop_
_entity.id
_entity.type
_entity.pdbx_description
1 polymer 'sixteen heme cytochrome'
2 branched 2-acetamido-2-deoxy-beta-D-allopyranose-(1-3)-2-acetamido-2-deoxy-beta-D-glucopyranose
3 non-polymer 'ZINC ION'
4 non-polymer 'HEME C'
5 non-polymer GLYCEROL
6 water water
#
_entity_poly.entity_id   1
_entity_poly.type   'polypeptide(L)'
_entity_poly.pdbx_seq_one_letter_code
;MTQRKRAARWVGIPCAILFLTVPFISATASTPGPASTAEPKVDAIVIDTAAVFGKLEQPGVVFYHEKHTTALEKMAKDCT
SCHVETEGKLSFKFARTVDPTSKNAMAEQYHANCMACHEKVVGSYPTAPQAAECKRCHVGPGVEGATVTPKPSLDLNLHG
RHVVAEAKRLQVKEDESCKACHHTYDEAQKKLVYAKGEEGSCVYCHKQEPLPSPVQQDRVVPSTRDASHESCVNCHLSTR
KAQTESGPVLCVGCHTAEAQAAWKKTAETPRLFRGQPDATLLVAGAATANGTVDVNWAAAGPGPVAFDHKAHEGFVGNCV
TCHHPTQTGGSLAACGVACHTTTGSKDGNFVTTAQSAHQLGVTTSCVGCHTTQANARKECAGCHAPMQKTALSQNSCIQC
HEAGFPTSGTQTLGKEEREATAAKILAAKDEKPKTVPLENVPEKLTLNYMDEKGDEWQAAEFPHRKIYQKLVEEAAKSPM
ANHFHGDALTMCSGCHHNAKPSLNPPKCASCHSKPFQERTANQPGLKGAFHNQCIGCHQEMQVNPKATDCQGCHKPKNSA
;
_entity_poly.pdbx_strand_id   X
#
loop_
_chem_comp.id
_chem_comp.type
_chem_comp.name
_chem_comp.formula
GOL non-polymer GLYCEROL 'C3 H8 O3'
HEC non-polymer 'HEME C' 'C34 H34 Fe N4 O4'
NAA D-saccharide, beta linking 2-acetamido-2-deoxy-beta-D-allopyranose 'C8 H15 N O6'
NAG D-saccharide, beta linking 2-acetamido-2-deoxy-beta-D-glucopyranose 'C8 H15 N O6'
ZN non-polymer 'ZINC ION' 'Zn 2'
#
# COMPACT_ATOMS: atom_id res chain seq x y z
N PRO A 40 3.85 10.26 -16.26
CA PRO A 40 4.80 10.69 -15.23
C PRO A 40 4.49 12.09 -14.65
N LYS A 41 3.38 12.68 -15.08
CA LYS A 41 3.16 14.11 -14.82
C LYS A 41 2.06 14.36 -13.78
N VAL A 42 2.45 14.35 -12.51
CA VAL A 42 1.51 14.45 -11.39
C VAL A 42 0.64 15.71 -11.44
N ASP A 43 1.13 16.76 -12.11
CA ASP A 43 0.39 18.01 -12.32
C ASP A 43 -0.64 17.95 -13.47
N ALA A 44 -0.60 16.88 -14.27
CA ALA A 44 -1.57 16.69 -15.33
C ALA A 44 -2.97 16.48 -14.78
N ILE A 45 -3.89 17.34 -15.17
CA ILE A 45 -5.31 17.18 -14.85
C ILE A 45 -6.08 16.89 -16.13
N VAL A 46 -6.78 15.77 -16.18
CA VAL A 46 -7.66 15.49 -17.29
C VAL A 46 -9.04 16.09 -17.02
N ILE A 47 -9.26 17.27 -17.61
CA ILE A 47 -10.51 17.97 -17.44
C ILE A 47 -11.54 17.25 -18.28
N ASP A 48 -12.41 16.47 -17.64
CA ASP A 48 -13.52 15.88 -18.38
C ASP A 48 -14.84 16.19 -17.67
N THR A 49 -14.87 17.32 -16.99
CA THR A 49 -16.01 17.69 -16.17
C THR A 49 -17.31 17.39 -16.89
N ALA A 50 -17.38 17.78 -18.17
CA ALA A 50 -18.60 17.67 -18.98
C ALA A 50 -18.96 16.28 -19.54
N ALA A 51 -18.37 15.19 -19.06
CA ALA A 51 -18.81 13.91 -19.60
C ALA A 51 -19.99 13.36 -18.82
N VAL A 52 -20.36 14.03 -17.73
CA VAL A 52 -21.56 13.72 -16.96
C VAL A 52 -22.80 13.92 -17.81
N PHE A 53 -22.62 14.63 -18.93
CA PHE A 53 -23.71 14.85 -19.90
C PHE A 53 -23.79 13.76 -20.98
N GLY A 54 -22.89 12.79 -20.96
CA GLY A 54 -22.88 11.75 -21.99
C GLY A 54 -21.60 11.79 -22.81
N LYS A 55 -21.55 11.02 -23.89
CA LYS A 55 -20.36 10.92 -24.76
C LYS A 55 -19.78 12.31 -25.10
N LEU A 56 -18.46 12.39 -25.12
CA LEU A 56 -17.75 13.58 -25.51
C LEU A 56 -17.79 13.68 -27.03
N GLU A 57 -17.71 14.92 -27.52
CA GLU A 57 -17.59 15.17 -28.94
C GLU A 57 -16.12 15.14 -29.29
N GLN A 58 -15.29 15.75 -28.43
CA GLN A 58 -13.85 15.90 -28.71
C GLN A 58 -12.93 14.98 -27.93
N PRO A 59 -11.70 14.74 -28.48
CA PRO A 59 -10.53 14.32 -27.70
C PRO A 59 -10.43 15.07 -26.35
N GLY A 60 -9.96 14.38 -25.31
CA GLY A 60 -9.85 14.95 -23.98
C GLY A 60 -8.85 16.07 -23.83
N VAL A 61 -9.17 17.01 -22.95
CA VAL A 61 -8.24 18.07 -22.53
C VAL A 61 -7.25 17.44 -21.52
N VAL A 62 -6.05 18.03 -21.45
CA VAL A 62 -5.05 17.73 -20.43
C VAL A 62 -4.31 19.00 -20.03
N PHE A 63 -4.79 19.66 -18.98
CA PHE A 63 -4.25 20.89 -18.41
C PHE A 63 -3.03 20.57 -17.52
N TYR A 64 -1.96 21.34 -17.67
CA TYR A 64 -0.72 21.13 -16.92
C TYR A 64 -0.55 22.20 -15.86
N HIS A 65 -0.72 21.79 -14.62
CA HIS A 65 -0.92 22.72 -13.54
C HIS A 65 0.33 23.49 -13.24
N GLU A 66 1.48 22.84 -13.49
CA GLU A 66 2.77 23.44 -13.12
C GLU A 66 3.21 24.49 -14.14
N LYS A 67 3.06 24.20 -15.43
CA LYS A 67 3.33 25.20 -16.48
C LYS A 67 2.66 26.50 -16.09
N HIS A 68 1.39 26.37 -15.71
CA HIS A 68 0.58 27.48 -15.29
C HIS A 68 0.98 28.12 -13.96
N THR A 69 1.27 27.31 -12.94
CA THR A 69 1.54 27.90 -11.61
C THR A 69 2.85 28.59 -11.64
N THR A 70 3.79 27.99 -12.38
CA THR A 70 5.10 28.60 -12.66
C THR A 70 4.97 29.97 -13.37
N ALA A 71 4.28 29.99 -14.52
CA ALA A 71 3.96 31.20 -15.27
C ALA A 71 3.28 32.29 -14.43
N LEU A 72 2.26 31.91 -13.66
CA LEU A 72 1.44 32.87 -12.94
C LEU A 72 2.13 33.45 -11.70
N GLU A 73 2.98 32.64 -11.07
CA GLU A 73 3.75 33.08 -9.89
C GLU A 73 4.87 34.02 -10.31
N LYS A 74 5.33 33.86 -11.55
CA LYS A 74 6.18 34.87 -12.21
C LYS A 74 5.45 36.23 -12.26
N MET A 75 4.24 36.25 -12.81
CA MET A 75 3.50 37.49 -13.00
C MET A 75 3.06 38.12 -11.69
N ALA A 76 3.65 37.67 -10.57
CA ALA A 76 3.24 38.11 -9.23
C ALA A 76 1.73 38.00 -9.05
N LYS A 77 1.16 36.89 -9.57
CA LYS A 77 -0.26 36.57 -9.49
C LYS A 77 -0.48 35.23 -8.77
N ASP A 78 -1.29 35.27 -7.71
CA ASP A 78 -1.55 34.08 -6.88
C ASP A 78 -2.63 33.15 -7.42
N CYS A 79 -3.16 32.26 -6.57
CA CYS A 79 -4.10 31.20 -6.98
C CYS A 79 -5.44 31.76 -7.38
N THR A 80 -5.80 32.89 -6.76
CA THR A 80 -7.11 33.54 -7.00
C THR A 80 -7.32 33.98 -8.45
N SER A 81 -6.22 33.98 -9.22
CA SER A 81 -6.22 34.15 -10.67
C SER A 81 -7.10 33.12 -11.35
N CYS A 82 -7.23 31.94 -10.74
CA CYS A 82 -8.03 30.83 -11.30
C CYS A 82 -9.02 30.13 -10.38
N HIS A 83 -9.02 30.55 -9.12
CA HIS A 83 -9.80 29.91 -8.11
C HIS A 83 -10.51 30.94 -7.26
N VAL A 84 -11.82 30.81 -7.20
CA VAL A 84 -12.63 31.64 -6.34
C VAL A 84 -12.29 31.44 -4.85
N GLU A 85 -12.03 32.55 -4.17
CA GLU A 85 -11.77 32.59 -2.74
C GLU A 85 -13.01 33.12 -2.06
N THR A 86 -13.61 32.29 -1.24
CA THR A 86 -14.79 32.64 -0.46
C THR A 86 -14.50 32.60 1.03
N GLU A 87 -14.21 33.78 1.59
CA GLU A 87 -13.88 33.96 3.01
C GLU A 87 -12.61 33.20 3.39
N GLY A 88 -11.51 33.45 2.67
CA GLY A 88 -10.27 32.72 2.91
C GLY A 88 -10.18 31.40 2.15
N LYS A 89 -11.25 30.61 2.18
CA LYS A 89 -11.21 29.30 1.51
C LYS A 89 -11.36 29.39 -0.02
N LEU A 90 -10.34 28.90 -0.73
CA LEU A 90 -10.44 28.71 -2.19
C LEU A 90 -11.31 27.52 -2.50
N SER A 91 -12.00 27.60 -3.63
CA SER A 91 -12.52 26.43 -4.36
C SER A 91 -11.47 25.99 -5.38
N PHE A 92 -11.36 24.68 -5.59
CA PHE A 92 -10.39 24.11 -6.57
C PHE A 92 -11.06 23.64 -7.84
N LYS A 93 -12.33 24.01 -7.93
CA LYS A 93 -13.02 24.18 -9.21
C LYS A 93 -12.27 25.28 -9.98
N PHE A 94 -12.20 25.14 -11.30
CA PHE A 94 -11.66 26.23 -12.13
C PHE A 94 -12.61 27.41 -12.38
N ALA A 95 -12.27 28.57 -11.81
CA ALA A 95 -12.89 29.88 -12.07
C ALA A 95 -14.40 29.91 -11.88
N ARG A 96 -14.87 29.30 -10.79
CA ARG A 96 -16.31 29.10 -10.51
C ARG A 96 -16.47 28.45 -9.13
N THR A 97 -17.68 28.56 -8.56
CA THR A 97 -17.97 27.86 -7.34
C THR A 97 -19.02 26.78 -7.57
N VAL A 98 -19.83 26.94 -8.62
CA VAL A 98 -20.90 25.98 -8.96
C VAL A 98 -20.58 25.34 -10.32
N ASP A 99 -20.99 24.09 -10.55
CA ASP A 99 -20.96 23.52 -11.92
C ASP A 99 -22.24 23.94 -12.67
N PRO A 100 -22.11 24.52 -13.87
CA PRO A 100 -23.25 24.68 -14.77
C PRO A 100 -24.01 23.38 -15.09
N THR A 101 -25.32 23.54 -15.36
CA THR A 101 -26.32 22.46 -15.37
C THR A 101 -26.69 21.91 -16.77
N SER A 102 -26.16 22.53 -17.82
CA SER A 102 -26.20 21.97 -19.16
C SER A 102 -24.79 21.93 -19.71
N LYS A 103 -24.55 20.96 -20.59
CA LYS A 103 -23.30 20.84 -21.34
C LYS A 103 -22.93 22.19 -22.00
N ASN A 104 -23.86 22.70 -22.78
CA ASN A 104 -23.82 24.05 -23.31
C ASN A 104 -23.07 25.02 -22.40
N ALA A 105 -23.57 25.17 -21.18
CA ALA A 105 -23.11 26.25 -20.30
C ALA A 105 -21.72 25.96 -19.73
N MET A 106 -21.51 24.71 -19.33
CA MET A 106 -20.25 24.21 -18.78
C MET A 106 -19.13 24.40 -19.79
N ALA A 107 -19.26 23.79 -20.97
CA ALA A 107 -18.26 23.93 -22.03
C ALA A 107 -17.99 25.39 -22.45
N GLU A 108 -18.99 26.23 -22.38
CA GLU A 108 -18.82 27.63 -22.73
C GLU A 108 -18.08 28.37 -21.64
N GLN A 109 -18.37 27.99 -20.39
CA GLN A 109 -17.70 28.56 -19.25
C GLN A 109 -16.22 28.15 -19.26
N TYR A 110 -15.95 26.95 -19.80
CA TYR A 110 -14.57 26.50 -19.78
C TYR A 110 -13.81 27.32 -20.77
N HIS A 111 -14.19 27.18 -22.05
CA HIS A 111 -13.69 28.04 -23.15
C HIS A 111 -13.54 29.51 -22.73
N ALA A 112 -14.57 30.06 -22.12
CA ALA A 112 -14.51 31.48 -21.83
C ALA A 112 -13.34 31.74 -20.88
N ASN A 113 -13.33 31.09 -19.73
CA ASN A 113 -12.44 31.49 -18.65
C ASN A 113 -10.99 31.10 -18.97
N CYS A 114 -10.86 30.03 -19.75
CA CYS A 114 -9.59 29.58 -20.20
C CYS A 114 -8.96 30.65 -21.08
N MET A 115 -9.64 30.90 -22.21
CA MET A 115 -9.09 31.77 -23.24
C MET A 115 -9.14 33.23 -22.91
N ALA A 116 -9.90 33.62 -21.89
CA ALA A 116 -9.92 35.00 -21.42
C ALA A 116 -8.56 35.44 -20.94
N CYS A 117 -7.91 34.59 -20.15
CA CYS A 117 -6.59 34.93 -19.65
C CYS A 117 -5.51 34.85 -20.73
N HIS A 118 -5.53 33.80 -21.56
CA HIS A 118 -4.71 33.73 -22.76
C HIS A 118 -4.76 35.06 -23.58
N GLU A 119 -5.97 35.50 -23.93
CA GLU A 119 -6.12 36.79 -24.59
C GLU A 119 -5.38 37.93 -23.87
N LYS A 120 -5.38 37.96 -22.55
CA LYS A 120 -4.77 39.10 -21.87
C LYS A 120 -3.25 39.00 -21.53
N VAL A 121 -2.62 37.95 -22.05
CA VAL A 121 -1.18 37.71 -21.84
C VAL A 121 -0.47 37.42 -23.17
N VAL A 122 -1.22 37.58 -24.26
CA VAL A 122 -0.69 37.59 -25.63
C VAL A 122 0.67 38.32 -25.77
N GLY A 123 0.83 39.45 -25.06
CA GLY A 123 2.11 40.20 -25.01
C GLY A 123 3.25 39.34 -24.47
N SER A 124 3.09 38.90 -23.23
CA SER A 124 4.02 37.99 -22.55
C SER A 124 4.10 36.61 -23.19
N TYR A 125 2.96 35.97 -23.41
CA TYR A 125 2.95 34.64 -23.99
C TYR A 125 2.07 34.67 -25.24
N PRO A 126 2.73 34.88 -26.40
CA PRO A 126 2.08 35.00 -27.71
C PRO A 126 1.70 33.62 -28.26
N THR A 127 2.38 32.61 -27.73
CA THR A 127 2.22 31.18 -27.99
C THR A 127 1.06 30.51 -27.18
N ALA A 128 0.30 31.32 -26.44
CA ALA A 128 -0.81 30.83 -25.64
C ALA A 128 -2.00 30.46 -26.55
N PRO A 129 -2.45 29.17 -26.52
CA PRO A 129 -3.48 28.64 -27.45
C PRO A 129 -4.77 29.45 -27.54
N GLN A 130 -5.27 29.63 -28.76
CA GLN A 130 -6.15 30.76 -29.03
C GLN A 130 -7.65 30.57 -29.23
N ALA A 131 -8.07 29.46 -29.85
CA ALA A 131 -9.50 29.10 -29.93
C ALA A 131 -9.82 28.11 -31.05
N ALA A 132 -9.44 28.46 -32.28
CA ALA A 132 -9.56 27.53 -33.39
C ALA A 132 -8.49 26.47 -33.24
N GLU A 133 -7.61 26.67 -32.24
CA GLU A 133 -6.49 25.76 -32.01
C GLU A 133 -6.95 24.63 -31.10
N CYS A 134 -7.75 23.75 -31.69
CA CYS A 134 -8.46 22.69 -31.00
C CYS A 134 -7.52 21.69 -30.35
N LYS A 135 -6.46 21.32 -31.07
CA LYS A 135 -5.49 20.31 -30.63
C LYS A 135 -4.52 20.77 -29.55
N ARG A 136 -4.42 22.07 -29.36
CA ARG A 136 -3.57 22.61 -28.32
C ARG A 136 -4.16 22.34 -26.91
N CYS A 137 -5.49 22.32 -26.85
CA CYS A 137 -6.20 21.90 -25.67
C CYS A 137 -6.77 20.47 -25.72
N HIS A 138 -7.54 20.14 -26.75
CA HIS A 138 -8.02 18.76 -26.90
C HIS A 138 -6.95 17.86 -27.51
N VAL A 139 -6.01 17.45 -26.67
CA VAL A 139 -4.84 16.67 -27.09
C VAL A 139 -5.10 15.16 -27.05
N GLY A 140 -6.27 14.75 -26.58
CA GLY A 140 -6.65 13.32 -26.63
C GLY A 140 -6.49 12.57 -25.32
N PRO A 141 -5.93 11.32 -25.38
CA PRO A 141 -5.72 10.45 -24.18
C PRO A 141 -4.68 11.02 -23.20
N GLY A 142 -4.97 10.88 -21.92
CA GLY A 142 -4.07 11.40 -20.87
C GLY A 142 -3.92 10.48 -19.68
N VAL A 143 -2.82 10.68 -18.94
CA VAL A 143 -2.61 9.99 -17.69
C VAL A 143 -2.37 11.07 -16.66
N GLU A 144 -3.18 11.10 -15.60
CA GLU A 144 -2.90 11.98 -14.47
C GLU A 144 -1.77 11.33 -13.64
N GLY A 145 -0.58 11.92 -13.69
CA GLY A 145 0.60 11.36 -12.99
C GLY A 145 0.28 10.83 -11.60
N ALA A 146 -0.34 11.68 -10.80
CA ALA A 146 -0.75 11.39 -9.43
C ALA A 146 -1.57 10.09 -9.25
N THR A 147 -2.23 9.64 -10.31
CA THR A 147 -2.98 8.37 -10.33
C THR A 147 -2.03 7.13 -10.33
N VAL A 148 -0.74 7.39 -10.53
CA VAL A 148 0.24 6.33 -10.76
C VAL A 148 1.34 6.33 -9.69
N THR A 149 1.81 7.53 -9.38
CA THR A 149 2.65 7.82 -8.26
C THR A 149 1.94 7.32 -6.97
N PRO A 150 2.67 7.20 -5.83
CA PRO A 150 2.01 6.76 -4.59
C PRO A 150 1.23 7.87 -3.84
N LYS A 151 0.08 7.47 -3.29
CA LYS A 151 -0.85 8.36 -2.62
C LYS A 151 -0.25 9.17 -1.50
N PRO A 152 -0.52 10.50 -1.51
CA PRO A 152 -0.32 11.23 -0.26
C PRO A 152 -1.27 10.62 0.76
N SER A 153 -0.78 10.38 1.98
CA SER A 153 -1.62 9.95 3.10
C SER A 153 -1.10 10.60 4.36
N LEU A 154 -1.91 10.63 5.43
CA LEU A 154 -1.37 10.93 6.75
C LEU A 154 -1.21 9.61 7.46
N ASP A 155 0.01 9.04 7.34
CA ASP A 155 0.37 7.84 8.11
C ASP A 155 0.41 8.18 9.55
N LEU A 156 0.63 7.19 10.41
CA LEU A 156 0.48 7.47 11.86
C LEU A 156 1.44 8.62 12.35
N ASN A 157 2.65 8.60 11.86
CA ASN A 157 3.66 9.61 12.26
C ASN A 157 3.22 11.01 11.80
N LEU A 158 2.85 11.13 10.52
CA LEU A 158 2.40 12.42 10.01
C LEU A 158 1.07 12.87 10.61
N HIS A 159 0.14 11.94 10.72
CA HIS A 159 -1.06 12.25 11.46
C HIS A 159 -0.74 12.82 12.84
N GLY A 160 0.26 12.28 13.53
CA GLY A 160 0.53 12.68 14.88
C GLY A 160 1.01 14.14 14.83
N ARG A 161 1.78 14.46 13.80
CA ARG A 161 2.32 15.84 13.67
C ARG A 161 1.18 16.87 13.50
N HIS A 162 0.10 16.42 12.86
CA HIS A 162 -1.01 17.27 12.58
C HIS A 162 -1.81 17.46 13.86
N VAL A 163 -1.86 16.43 14.70
CA VAL A 163 -2.59 16.53 15.94
C VAL A 163 -1.89 17.58 16.83
N VAL A 164 -0.57 17.47 16.93
CA VAL A 164 0.25 18.35 17.73
C VAL A 164 0.11 19.81 17.24
N ALA A 165 0.31 20.03 15.92
CA ALA A 165 0.16 21.37 15.27
C ALA A 165 -1.22 22.01 15.43
N GLU A 166 -2.27 21.24 15.17
CA GLU A 166 -3.62 21.73 15.39
C GLU A 166 -3.83 22.05 16.86
N ALA A 167 -3.39 21.18 17.76
CA ALA A 167 -3.53 21.45 19.19
C ALA A 167 -2.75 22.71 19.59
N LYS A 168 -1.56 22.86 19.01
CA LYS A 168 -0.69 23.98 19.30
C LYS A 168 -1.32 25.27 18.79
N ARG A 169 -2.04 25.16 17.68
CA ARG A 169 -2.74 26.31 17.12
C ARG A 169 -3.96 26.75 17.96
N LEU A 170 -4.93 25.87 18.14
CA LEU A 170 -6.10 26.12 18.98
C LEU A 170 -5.73 26.25 20.48
N GLN A 171 -4.43 26.30 20.79
CA GLN A 171 -3.92 26.44 22.16
C GLN A 171 -4.62 25.49 23.15
N VAL A 172 -4.79 24.24 22.71
CA VAL A 172 -5.55 23.25 23.48
C VAL A 172 -4.80 21.89 23.63
N LYS A 173 -5.37 21.01 24.45
CA LYS A 173 -4.84 19.68 24.66
C LYS A 173 -5.24 18.82 23.46
N GLU A 174 -4.33 17.95 23.06
CA GLU A 174 -4.45 17.17 21.82
C GLU A 174 -5.85 16.60 21.54
N ASP A 175 -6.51 16.04 22.54
CA ASP A 175 -7.85 15.46 22.34
C ASP A 175 -8.90 16.46 21.85
N GLU A 176 -8.56 17.75 21.86
CA GLU A 176 -9.48 18.78 21.40
C GLU A 176 -9.25 19.17 19.92
N SER A 177 -8.20 18.60 19.31
CA SER A 177 -7.81 18.88 17.93
C SER A 177 -8.70 18.20 16.90
N CYS A 178 -9.35 17.11 17.28
CA CYS A 178 -9.97 16.20 16.36
C CYS A 178 -11.12 16.89 15.63
N LYS A 179 -12.04 17.48 16.40
CA LYS A 179 -13.08 18.39 15.86
C LYS A 179 -12.63 19.32 14.71
N ALA A 180 -11.35 19.68 14.67
CA ALA A 180 -10.82 20.49 13.58
C ALA A 180 -10.97 19.89 12.18
N CYS A 181 -11.03 18.55 12.10
CA CYS A 181 -10.93 17.85 10.82
C CYS A 181 -11.91 16.72 10.59
N HIS A 182 -12.28 16.06 11.67
CA HIS A 182 -13.17 14.92 11.60
C HIS A 182 -14.60 15.32 11.79
N HIS A 183 -15.48 14.78 10.95
CA HIS A 183 -16.91 15.09 11.09
C HIS A 183 -17.86 14.04 10.57
N THR A 184 -19.12 14.26 10.91
CA THR A 184 -20.26 13.49 10.48
C THR A 184 -21.44 14.48 10.24
N TYR A 185 -22.34 14.13 9.31
CA TYR A 185 -23.55 14.92 9.05
C TYR A 185 -24.67 14.57 10.02
N ASP A 186 -25.14 15.57 10.77
CA ASP A 186 -26.34 15.44 11.64
C ASP A 186 -27.60 15.83 10.86
N GLU A 187 -28.53 14.88 10.73
CA GLU A 187 -29.78 15.09 9.99
C GLU A 187 -30.72 15.92 10.85
N ALA A 188 -30.80 15.53 12.12
CA ALA A 188 -31.51 16.27 13.15
C ALA A 188 -30.62 17.35 13.76
N GLN A 189 -30.04 18.20 12.91
CA GLN A 189 -29.28 19.39 13.35
C GLN A 189 -28.85 20.15 12.11
N LYS A 190 -29.17 19.55 10.95
CA LYS A 190 -28.92 20.05 9.59
C LYS A 190 -27.47 20.35 9.13
N LYS A 191 -26.52 20.38 10.08
CA LYS A 191 -25.10 20.61 9.78
C LYS A 191 -24.14 19.40 10.01
N LEU A 192 -22.85 19.65 9.76
CA LEU A 192 -21.77 18.72 10.05
C LEU A 192 -21.25 18.97 11.45
N VAL A 193 -21.16 17.90 12.24
CA VAL A 193 -20.61 17.95 13.59
C VAL A 193 -19.43 16.98 13.79
N TYR A 194 -18.60 17.28 14.79
CA TYR A 194 -17.57 16.36 15.24
C TYR A 194 -18.17 15.30 16.14
N ALA A 195 -18.04 14.02 15.74
CA ALA A 195 -18.45 12.96 16.64
C ALA A 195 -17.23 12.40 17.37
N LYS A 196 -17.01 12.88 18.59
CA LYS A 196 -15.98 12.33 19.45
C LYS A 196 -16.12 10.78 19.49
N GLY A 197 -15.00 10.08 19.30
CA GLY A 197 -15.02 8.63 19.42
C GLY A 197 -15.50 7.99 18.14
N GLU A 198 -15.66 8.77 17.09
CA GLU A 198 -16.02 8.15 15.81
C GLU A 198 -15.03 8.41 14.68
N GLU A 199 -13.82 8.85 15.05
CA GLU A 199 -12.82 9.28 14.08
C GLU A 199 -12.29 8.10 13.29
N GLY A 200 -11.73 8.34 12.12
CA GLY A 200 -11.39 7.25 11.22
C GLY A 200 -11.08 7.95 9.92
N SER A 201 -10.69 7.14 8.97
CA SER A 201 -10.37 7.50 7.67
C SER A 201 -11.50 8.26 6.99
N CYS A 202 -11.15 9.40 6.37
CA CYS A 202 -12.00 10.15 5.45
C CYS A 202 -12.64 9.31 4.38
N VAL A 203 -11.93 8.32 3.88
CA VAL A 203 -12.44 7.47 2.82
C VAL A 203 -13.62 6.61 3.24
N TYR A 204 -14.02 6.63 4.51
CA TYR A 204 -15.17 5.81 4.87
C TYR A 204 -16.47 6.48 4.41
N CYS A 205 -16.39 7.77 4.06
CA CYS A 205 -17.52 8.51 3.49
C CYS A 205 -17.18 9.20 2.16
N HIS A 206 -15.93 9.65 2.03
CA HIS A 206 -15.43 10.31 0.82
C HIS A 206 -14.76 9.30 -0.15
N LYS A 207 -15.50 8.85 -1.15
CA LYS A 207 -15.06 7.72 -1.93
C LYS A 207 -14.72 8.10 -3.37
N GLN A 208 -14.12 7.16 -4.10
CA GLN A 208 -13.73 7.30 -5.47
C GLN A 208 -14.89 7.78 -6.36
N GLU A 209 -15.97 7.01 -6.35
CA GLU A 209 -17.27 7.41 -6.92
C GLU A 209 -18.11 7.96 -5.77
N PRO A 210 -18.43 9.26 -5.78
CA PRO A 210 -19.03 9.80 -4.57
C PRO A 210 -20.38 9.17 -4.21
N LEU A 211 -20.57 8.97 -2.90
CA LEU A 211 -21.84 8.54 -2.33
C LEU A 211 -22.91 9.65 -2.37
N PRO A 212 -24.20 9.24 -2.41
CA PRO A 212 -25.32 10.14 -2.24
C PRO A 212 -25.29 10.79 -0.88
N SER A 213 -25.28 12.12 -0.83
CA SER A 213 -25.37 12.84 0.45
C SER A 213 -26.68 12.60 1.19
N PRO A 214 -26.76 13.02 2.47
CA PRO A 214 -28.08 13.41 2.99
C PRO A 214 -28.34 14.93 3.20
N VAL A 215 -28.99 15.70 2.29
CA VAL A 215 -29.24 15.48 0.84
C VAL A 215 -29.58 16.81 0.13
N ASP A 218 -30.37 17.45 -3.48
CA ASP A 218 -30.03 16.04 -3.70
C ASP A 218 -28.55 15.82 -4.18
N ARG A 219 -27.65 15.98 -3.22
CA ARG A 219 -26.24 16.15 -3.50
C ARG A 219 -25.40 14.88 -3.22
N VAL A 220 -24.11 14.96 -3.56
CA VAL A 220 -23.15 13.87 -3.36
C VAL A 220 -22.25 14.18 -2.14
N VAL A 221 -21.73 13.14 -1.49
CA VAL A 221 -20.59 13.33 -0.60
C VAL A 221 -19.36 13.42 -1.53
N PRO A 222 -18.66 14.56 -1.50
CA PRO A 222 -17.55 14.73 -2.43
C PRO A 222 -16.50 13.59 -2.37
N SER A 223 -15.85 13.33 -3.49
CA SER A 223 -14.90 12.24 -3.60
C SER A 223 -13.69 12.46 -2.68
N THR A 224 -12.96 11.37 -2.42
CA THR A 224 -11.67 11.42 -1.74
C THR A 224 -10.76 12.53 -2.28
N ARG A 225 -10.60 12.53 -3.60
CA ARG A 225 -9.82 13.49 -4.34
C ARG A 225 -10.29 14.91 -4.07
N ASP A 226 -11.59 15.17 -4.25
CA ASP A 226 -12.12 16.51 -3.97
C ASP A 226 -12.13 16.96 -2.49
N ALA A 227 -12.57 16.08 -1.57
CA ALA A 227 -12.53 16.38 -0.15
C ALA A 227 -11.11 16.66 0.33
N SER A 228 -10.14 15.93 -0.21
CA SER A 228 -8.73 16.04 0.20
C SER A 228 -8.10 17.35 -0.22
N HIS A 229 -8.23 17.66 -1.50
CA HIS A 229 -7.82 18.99 -1.99
C HIS A 229 -8.46 20.16 -1.23
N GLU A 230 -9.77 20.11 -1.04
CA GLU A 230 -10.42 21.29 -0.47
C GLU A 230 -9.82 21.43 0.92
N SER A 231 -9.62 20.28 1.56
CA SER A 231 -9.32 20.23 2.99
C SER A 231 -7.89 20.53 3.26
N CYS A 232 -7.06 19.68 2.69
CA CYS A 232 -5.64 19.69 2.92
C CYS A 232 -5.03 20.96 2.41
N VAL A 233 -5.35 21.36 1.20
CA VAL A 233 -4.59 22.45 0.58
C VAL A 233 -5.06 23.78 1.15
N ASN A 234 -6.35 23.89 1.37
CA ASN A 234 -6.84 25.11 1.98
C ASN A 234 -6.19 25.35 3.32
N CYS A 235 -6.06 24.31 4.14
CA CYS A 235 -5.42 24.51 5.43
C CYS A 235 -3.94 24.84 5.26
N HIS A 236 -3.27 24.15 4.34
CA HIS A 236 -1.87 24.43 4.11
C HIS A 236 -1.70 25.89 3.61
N LEU A 237 -2.66 26.39 2.83
CA LEU A 237 -2.52 27.73 2.24
C LEU A 237 -2.67 28.81 3.32
N SER A 238 -3.71 28.64 4.13
CA SER A 238 -4.05 29.58 5.16
C SER A 238 -3.08 29.54 6.34
N THR A 239 -2.27 28.48 6.44
CA THR A 239 -1.19 28.46 7.45
C THR A 239 0.10 29.06 6.90
N ARG A 240 0.32 28.96 5.58
CA ARG A 240 1.48 29.61 4.97
C ARG A 240 1.28 31.13 4.95
N LYS A 241 0.02 31.56 4.81
CA LYS A 241 -0.42 32.96 4.91
C LYS A 241 -0.24 33.54 6.30
N ALA A 242 -0.74 32.82 7.30
CA ALA A 242 -0.48 33.11 8.71
C ALA A 242 1.00 32.91 9.07
N GLN A 243 1.80 32.50 8.07
CA GLN A 243 3.25 32.31 8.22
C GLN A 243 3.77 31.34 9.32
N THR A 244 2.90 30.46 9.83
CA THR A 244 3.30 29.29 10.65
C THR A 244 3.96 28.21 9.76
N GLU A 245 4.56 27.17 10.38
CA GLU A 245 5.03 25.98 9.63
C GLU A 245 3.84 25.21 9.05
N SER A 246 3.99 24.78 7.79
CA SER A 246 2.89 24.26 7.01
C SER A 246 3.26 23.07 6.11
N GLY A 247 2.29 22.60 5.33
CA GLY A 247 2.53 21.49 4.41
C GLY A 247 2.37 21.97 2.99
N PRO A 248 2.57 21.05 1.99
CA PRO A 248 2.68 21.44 0.59
C PRO A 248 1.35 21.90 -0.03
N VAL A 249 1.44 22.85 -0.97
CA VAL A 249 0.23 23.35 -1.67
C VAL A 249 0.25 23.06 -3.19
N LEU A 250 1.40 22.67 -3.71
CA LEU A 250 1.48 22.36 -5.12
C LEU A 250 1.51 20.85 -5.36
N CYS A 251 1.25 20.44 -6.59
CA CYS A 251 1.03 19.02 -6.91
C CYS A 251 2.19 18.13 -6.55
N VAL A 252 3.39 18.59 -6.96
CA VAL A 252 4.63 17.86 -6.82
C VAL A 252 4.93 17.56 -5.34
N GLY A 253 4.50 18.46 -4.46
CA GLY A 253 4.73 18.35 -3.00
C GLY A 253 3.97 17.22 -2.29
N CYS A 254 2.84 16.81 -2.86
CA CYS A 254 2.06 15.74 -2.26
C CYS A 254 2.13 14.44 -3.05
N HIS A 255 2.47 14.50 -4.32
CA HIS A 255 2.27 13.36 -5.22
C HIS A 255 3.50 12.72 -5.85
N THR A 256 4.70 13.21 -5.58
CA THR A 256 5.88 12.52 -6.11
C THR A 256 6.60 11.77 -4.96
N ALA A 257 7.06 10.54 -5.21
CA ALA A 257 7.79 9.77 -4.17
C ALA A 257 8.89 10.62 -3.54
N GLU A 258 9.55 11.42 -4.38
CA GLU A 258 10.64 12.25 -3.93
C GLU A 258 10.23 13.34 -2.92
N ALA A 259 9.09 13.97 -3.08
CA ALA A 259 8.68 14.92 -2.03
C ALA A 259 8.26 14.20 -0.75
N GLN A 260 7.54 13.07 -0.91
CA GLN A 260 7.06 12.23 0.18
C GLN A 260 8.21 11.77 1.11
N ALA A 261 9.23 11.19 0.48
CA ALA A 261 10.52 10.89 1.12
C ALA A 261 11.13 12.02 1.99
N ALA A 262 10.91 13.27 1.61
CA ALA A 262 11.49 14.38 2.36
C ALA A 262 10.62 14.83 3.51
N TRP A 263 9.41 14.25 3.63
CA TRP A 263 8.51 14.76 4.68
C TRP A 263 9.17 14.41 5.99
N LYS A 264 9.14 15.34 6.94
CA LYS A 264 9.70 15.13 8.26
C LYS A 264 8.88 14.11 9.06
N LYS A 265 9.60 13.24 9.77
CA LYS A 265 9.02 12.24 10.67
C LYS A 265 9.49 12.61 12.05
N THR A 266 8.63 12.56 13.05
CA THR A 266 9.16 12.55 14.44
C THR A 266 9.97 11.29 14.83
N ALA A 267 10.85 11.40 15.83
CA ALA A 267 11.63 10.23 16.28
C ALA A 267 10.69 9.11 16.77
N GLU A 268 9.73 9.48 17.60
CA GLU A 268 8.68 8.53 18.00
C GLU A 268 7.34 8.85 17.31
N THR A 269 6.58 7.82 16.96
CA THR A 269 5.21 7.90 16.43
C THR A 269 4.30 7.79 17.63
N PRO A 270 3.38 8.76 17.83
CA PRO A 270 2.50 8.51 18.95
C PRO A 270 1.43 7.40 18.68
N ARG A 271 0.98 6.76 19.76
CA ARG A 271 -0.13 5.83 19.68
C ARG A 271 -1.38 6.60 19.29
N LEU A 272 -2.09 6.08 18.28
CA LEU A 272 -3.35 6.60 17.89
C LEU A 272 -4.43 5.67 18.39
N PHE A 273 -4.97 5.95 19.56
CA PHE A 273 -5.76 4.95 20.27
C PHE A 273 -7.23 5.09 20.13
N ARG A 274 -7.83 4.04 19.53
CA ARG A 274 -9.28 4.02 19.29
C ARG A 274 -9.99 2.83 19.92
N GLY A 275 -9.42 2.25 20.95
CA GLY A 275 -9.99 1.11 21.64
C GLY A 275 -9.44 -0.21 21.03
N GLN A 276 -8.38 -0.14 20.22
CA GLN A 276 -7.88 -1.44 19.61
C GLN A 276 -7.19 -2.31 20.70
N PRO A 277 -7.17 -3.66 20.56
CA PRO A 277 -6.41 -4.49 21.52
C PRO A 277 -4.93 -4.39 21.28
N ASP A 278 -4.05 -4.78 22.23
CA ASP A 278 -2.64 -4.84 21.94
C ASP A 278 -2.36 -6.18 21.22
N ALA A 279 -3.03 -7.23 21.65
CA ALA A 279 -2.97 -8.57 21.04
C ALA A 279 -4.35 -9.16 21.24
N THR A 280 -4.83 -9.97 20.32
CA THR A 280 -6.05 -10.67 20.49
C THR A 280 -5.95 -12.08 19.87
N LEU A 281 -6.83 -12.99 20.31
CA LEU A 281 -6.86 -14.33 19.79
C LEU A 281 -7.93 -14.39 18.83
N LEU A 282 -7.63 -14.79 17.58
CA LEU A 282 -8.63 -14.82 16.55
C LEU A 282 -9.06 -16.27 16.44
N VAL A 283 -10.31 -16.55 16.78
CA VAL A 283 -10.74 -17.92 17.03
C VAL A 283 -12.00 -18.24 16.26
N ALA A 284 -12.07 -19.47 15.74
CA ALA A 284 -13.30 -19.95 15.14
C ALA A 284 -14.48 -19.96 16.13
N GLY A 285 -15.59 -19.36 15.74
CA GLY A 285 -16.83 -19.58 16.49
C GLY A 285 -17.73 -18.42 16.19
N ALA A 286 -18.79 -18.27 16.98
CA ALA A 286 -19.79 -17.23 16.76
C ALA A 286 -19.58 -16.02 17.70
N ALA A 287 -19.22 -14.90 17.11
CA ALA A 287 -18.82 -13.75 17.87
C ALA A 287 -19.95 -12.75 17.90
N THR A 288 -20.32 -12.32 19.10
CA THR A 288 -21.29 -11.23 19.32
C THR A 288 -20.56 -9.90 19.48
N ALA A 289 -21.27 -8.80 19.29
CA ALA A 289 -20.64 -7.48 19.36
C ALA A 289 -19.82 -7.24 20.62
N ASN A 290 -20.07 -7.98 21.71
CA ASN A 290 -19.21 -8.00 22.92
C ASN A 290 -17.71 -8.29 22.63
N GLY A 291 -17.42 -8.99 21.53
CA GLY A 291 -16.11 -9.65 21.40
C GLY A 291 -16.09 -11.06 21.98
N THR A 292 -17.20 -11.41 22.65
CA THR A 292 -17.40 -12.77 23.11
C THR A 292 -17.61 -13.72 21.94
N VAL A 293 -16.94 -14.87 21.99
CA VAL A 293 -17.06 -15.93 20.94
C VAL A 293 -17.41 -17.20 21.70
N ASP A 294 -18.43 -17.90 21.26
CA ASP A 294 -18.68 -19.28 21.75
C ASP A 294 -17.94 -20.23 20.82
N VAL A 295 -17.06 -21.06 21.35
CA VAL A 295 -16.08 -21.80 20.56
C VAL A 295 -16.39 -23.25 20.81
N ASN A 296 -16.46 -24.01 19.73
CA ASN A 296 -16.50 -25.45 19.83
C ASN A 296 -15.15 -25.91 19.42
N TRP A 297 -14.36 -26.42 20.32
CA TRP A 297 -12.99 -26.75 19.94
C TRP A 297 -12.89 -27.84 18.83
N ALA A 298 -14.03 -28.51 18.56
CA ALA A 298 -14.08 -29.63 17.56
C ALA A 298 -13.98 -29.04 16.18
N ALA A 299 -14.70 -27.93 16.04
CA ALA A 299 -14.82 -27.10 14.88
C ALA A 299 -13.67 -26.13 14.64
N ALA A 300 -12.69 -26.02 15.52
CA ALA A 300 -11.78 -24.86 15.44
C ALA A 300 -10.38 -25.01 14.76
N GLY A 301 -10.04 -26.18 14.19
CA GLY A 301 -8.63 -26.42 13.79
C GLY A 301 -8.43 -25.66 12.52
N PRO A 302 -7.17 -25.40 12.12
CA PRO A 302 -5.88 -25.70 12.70
C PRO A 302 -5.58 -25.00 14.04
N GLY A 303 -6.31 -23.97 14.42
CA GLY A 303 -6.14 -23.48 15.82
C GLY A 303 -6.26 -21.96 15.88
N PRO A 304 -6.40 -21.39 17.08
CA PRO A 304 -6.56 -19.91 17.18
C PRO A 304 -5.25 -19.23 16.76
N VAL A 305 -5.37 -18.01 16.26
CA VAL A 305 -4.26 -17.19 15.86
C VAL A 305 -4.06 -16.07 16.91
N ALA A 306 -2.88 -16.03 17.52
CA ALA A 306 -2.53 -14.94 18.51
C ALA A 306 -1.97 -13.77 17.69
N PHE A 307 -2.72 -12.68 17.46
CA PHE A 307 -2.34 -11.63 16.53
C PHE A 307 -1.80 -10.43 17.34
N ASP A 308 -0.64 -9.89 16.91
CA ASP A 308 0.01 -8.74 17.54
C ASP A 308 -0.45 -7.46 16.88
N HIS A 309 -1.55 -6.94 17.41
CA HIS A 309 -2.15 -5.80 16.85
C HIS A 309 -1.27 -4.60 17.09
N LYS A 310 -0.81 -4.44 18.30
CA LYS A 310 0.03 -3.29 18.59
C LYS A 310 1.26 -3.29 17.67
N ALA A 311 1.89 -4.45 17.48
CA ALA A 311 3.09 -4.45 16.58
C ALA A 311 2.76 -4.06 15.17
N HIS A 312 1.63 -4.55 14.65
CA HIS A 312 1.16 -4.17 13.34
C HIS A 312 0.87 -2.77 13.06
N GLU A 313 0.41 -1.99 14.06
CA GLU A 313 0.16 -0.61 13.80
C GLU A 313 1.47 -0.01 13.44
N GLY A 314 2.52 -0.40 14.12
CA GLY A 314 3.85 0.10 13.67
C GLY A 314 4.36 -0.58 12.42
N PHE A 315 4.11 -1.89 12.20
CA PHE A 315 4.63 -2.54 10.93
C PHE A 315 3.96 -1.94 9.70
N VAL A 316 2.63 -1.72 9.81
CA VAL A 316 1.87 -1.17 8.69
C VAL A 316 1.91 0.35 8.66
N GLY A 317 1.79 1.04 9.81
CA GLY A 317 2.01 2.50 9.75
C GLY A 317 0.74 3.28 9.44
N ASN A 318 -0.38 2.56 9.34
CA ASN A 318 -1.70 3.17 9.31
C ASN A 318 -2.69 2.10 9.71
N CYS A 319 -3.99 2.46 9.74
CA CYS A 319 -5.11 1.60 10.14
C CYS A 319 -5.95 1.18 8.96
N VAL A 320 -6.17 2.10 7.98
CA VAL A 320 -7.09 1.84 6.91
C VAL A 320 -6.65 0.72 5.99
N THR A 321 -5.34 0.44 5.91
CA THR A 321 -4.91 -0.67 5.04
C THR A 321 -5.61 -1.95 5.45
N CYS A 322 -5.85 -2.08 6.76
CA CYS A 322 -6.56 -3.31 7.20
C CYS A 322 -8.07 -3.07 7.37
N HIS A 323 -8.42 -2.00 8.07
CA HIS A 323 -9.81 -1.66 8.35
C HIS A 323 -10.23 -0.87 7.14
N HIS A 324 -10.42 -1.60 6.05
CA HIS A 324 -10.52 -1.00 4.73
C HIS A 324 -11.92 -0.41 4.50
N PRO A 325 -12.01 0.60 3.59
CA PRO A 325 -13.29 1.13 3.17
C PRO A 325 -14.03 0.08 2.33
N THR A 326 -15.34 0.09 2.45
CA THR A 326 -16.19 -0.82 1.72
C THR A 326 -16.92 -0.05 0.65
N GLN A 327 -17.65 -0.74 -0.23
CA GLN A 327 -18.44 0.03 -1.20
C GLN A 327 -19.36 1.06 -0.49
N THR A 328 -19.93 0.74 0.65
CA THR A 328 -20.85 1.68 1.28
C THR A 328 -20.32 2.48 2.45
N GLY A 329 -19.19 2.06 3.01
CA GLY A 329 -18.60 2.76 4.16
C GLY A 329 -17.25 2.20 4.62
N GLY A 330 -17.22 1.70 5.85
CA GLY A 330 -16.03 1.18 6.48
C GLY A 330 -15.98 1.68 7.90
N SER A 331 -15.25 0.94 8.72
CA SER A 331 -15.15 1.18 10.14
C SER A 331 -13.85 0.54 10.63
N LEU A 332 -13.48 0.96 11.84
CA LEU A 332 -12.48 0.25 12.64
C LEU A 332 -13.04 -1.02 13.33
N ALA A 333 -14.15 -1.52 12.84
CA ALA A 333 -14.79 -2.66 13.48
C ALA A 333 -13.98 -3.94 13.36
N ALA A 334 -14.13 -4.83 14.33
CA ALA A 334 -13.52 -6.12 14.31
C ALA A 334 -14.04 -6.82 13.08
N CYS A 335 -13.16 -7.44 12.30
CA CYS A 335 -13.49 -7.98 10.98
C CYS A 335 -14.56 -9.03 11.03
N GLY A 336 -14.50 -9.80 12.11
CA GLY A 336 -15.23 -11.02 12.28
C GLY A 336 -16.57 -10.90 12.98
N VAL A 337 -16.86 -9.82 13.70
CA VAL A 337 -18.17 -9.75 14.40
C VAL A 337 -19.37 -9.90 13.43
N ALA A 338 -19.61 -8.91 12.56
CA ALA A 338 -20.76 -9.04 11.65
C ALA A 338 -20.37 -9.29 10.19
N CYS A 339 -19.15 -8.89 9.82
CA CYS A 339 -18.75 -8.88 8.40
C CYS A 339 -18.18 -10.18 7.80
N HIS A 340 -17.08 -10.72 8.35
CA HIS A 340 -16.42 -11.96 7.81
C HIS A 340 -16.56 -13.24 8.68
N THR A 341 -17.45 -14.17 8.27
CA THR A 341 -17.88 -15.35 9.06
C THR A 341 -17.42 -16.65 8.43
N THR A 342 -17.45 -17.73 9.20
CA THR A 342 -16.99 -19.03 8.70
C THR A 342 -17.73 -19.37 7.43
N THR A 343 -18.97 -18.87 7.35
CA THR A 343 -19.89 -19.23 6.28
C THR A 343 -19.84 -18.16 5.21
N GLY A 344 -19.90 -16.91 5.64
CA GLY A 344 -19.91 -15.80 4.70
C GLY A 344 -21.24 -15.07 4.74
N SER A 345 -21.17 -13.81 5.17
CA SER A 345 -22.27 -12.88 5.34
C SER A 345 -22.34 -11.82 4.21
N LYS A 346 -23.54 -11.28 4.00
CA LYS A 346 -23.76 -10.20 3.03
C LYS A 346 -22.98 -8.93 3.36
N ASP A 347 -22.91 -8.62 4.65
CA ASP A 347 -22.20 -7.43 5.14
C ASP A 347 -20.73 -7.43 4.74
N GLY A 348 -20.13 -8.60 4.59
CA GLY A 348 -18.76 -8.67 4.08
C GLY A 348 -18.65 -9.22 2.67
N ASN A 349 -19.71 -9.05 1.87
CA ASN A 349 -19.70 -9.51 0.49
C ASN A 349 -19.42 -11.00 0.40
N PHE A 350 -19.77 -11.73 1.46
CA PHE A 350 -19.55 -13.18 1.52
C PHE A 350 -18.12 -13.62 1.53
N VAL A 351 -17.21 -12.72 1.90
CA VAL A 351 -15.82 -13.09 2.06
C VAL A 351 -15.74 -13.74 3.44
N THR A 352 -15.32 -14.99 3.50
CA THR A 352 -15.27 -15.73 4.77
C THR A 352 -14.07 -15.34 5.61
N THR A 353 -14.19 -15.56 6.92
CA THR A 353 -13.12 -15.44 7.88
C THR A 353 -11.81 -15.91 7.26
N ALA A 354 -11.72 -17.20 6.89
CA ALA A 354 -10.57 -17.73 6.18
C ALA A 354 -10.11 -16.83 5.06
N GLN A 355 -11.00 -16.49 4.13
CA GLN A 355 -10.66 -15.68 2.98
C GLN A 355 -10.10 -14.32 3.42
N SER A 356 -10.74 -13.68 4.41
CA SER A 356 -10.30 -12.39 4.86
C SER A 356 -8.91 -12.42 5.48
N ALA A 357 -8.50 -13.60 5.93
CA ALA A 357 -7.20 -13.85 6.45
C ALA A 357 -6.20 -14.37 5.41
N HIS A 358 -6.70 -15.11 4.42
CA HIS A 358 -5.84 -15.89 3.49
C HIS A 358 -5.71 -15.35 2.06
N GLN A 359 -6.54 -14.41 1.66
CA GLN A 359 -6.68 -14.17 0.21
C GLN A 359 -5.39 -13.60 -0.41
N LEU A 360 -4.93 -14.20 -1.53
CA LEU A 360 -3.69 -13.78 -2.17
C LEU A 360 -4.00 -12.63 -3.07
N GLY A 361 -3.03 -11.78 -3.36
CA GLY A 361 -3.23 -10.77 -4.37
C GLY A 361 -3.81 -9.51 -3.83
N VAL A 362 -3.92 -9.40 -2.49
CA VAL A 362 -4.47 -8.21 -1.84
C VAL A 362 -3.61 -7.95 -0.58
N THR A 363 -3.64 -6.72 -0.08
CA THR A 363 -2.90 -6.36 1.19
C THR A 363 -3.80 -6.31 2.41
N THR A 364 -5.08 -6.61 2.22
CA THR A 364 -6.08 -6.58 3.30
C THR A 364 -6.00 -7.84 4.13
N SER A 365 -5.49 -8.93 3.57
CA SER A 365 -5.44 -10.15 4.37
C SER A 365 -4.03 -10.32 4.88
N CYS A 366 -3.86 -11.18 5.91
CA CYS A 366 -2.61 -11.49 6.49
C CYS A 366 -1.69 -12.08 5.44
N VAL A 367 -2.13 -13.13 4.71
CA VAL A 367 -1.21 -13.83 3.83
C VAL A 367 -0.96 -13.00 2.62
N GLY A 368 -2.01 -12.36 2.10
CA GLY A 368 -1.96 -11.38 0.97
C GLY A 368 -0.98 -10.21 1.21
N CYS A 369 -1.06 -9.59 2.39
CA CYS A 369 -0.09 -8.54 2.65
C CYS A 369 1.29 -9.04 2.78
N HIS A 370 1.50 -10.14 3.52
CA HIS A 370 2.84 -10.61 3.71
C HIS A 370 3.47 -11.03 2.42
N THR A 371 2.70 -11.71 1.55
CA THR A 371 3.33 -12.26 0.34
C THR A 371 3.49 -11.11 -0.65
N THR A 372 2.60 -10.13 -0.64
CA THR A 372 2.80 -8.89 -1.38
C THR A 372 4.19 -8.24 -1.06
N GLN A 373 4.54 -8.15 0.19
CA GLN A 373 5.78 -7.58 0.60
C GLN A 373 6.97 -8.42 0.23
N ALA A 374 6.88 -9.73 0.43
CA ALA A 374 8.00 -10.68 0.17
C ALA A 374 8.36 -10.67 -1.32
N ASN A 375 7.40 -10.38 -2.14
CA ASN A 375 7.58 -10.35 -3.59
C ASN A 375 7.90 -8.99 -4.19
N ALA A 376 7.62 -7.90 -3.44
CA ALA A 376 7.91 -6.52 -3.79
C ALA A 376 9.27 -6.04 -3.29
N ARG A 377 9.75 -6.52 -2.12
CA ARG A 377 10.96 -6.01 -1.57
C ARG A 377 12.13 -6.68 -2.22
N LYS A 378 13.15 -5.90 -2.60
CA LYS A 378 14.28 -6.39 -3.39
C LYS A 378 15.10 -7.34 -2.62
N GLU A 379 15.13 -7.15 -1.31
CA GLU A 379 15.83 -8.08 -0.49
C GLU A 379 15.12 -9.46 -0.27
N CYS A 380 13.82 -9.54 -0.58
CA CYS A 380 13.07 -10.81 -0.39
C CYS A 380 12.76 -11.50 -1.72
N ALA A 381 12.50 -10.64 -2.71
CA ALA A 381 12.01 -10.96 -4.04
C ALA A 381 12.91 -11.92 -4.82
N GLY A 382 14.21 -12.00 -4.49
CA GLY A 382 15.10 -12.93 -5.18
C GLY A 382 14.68 -14.35 -4.91
N CYS A 383 14.40 -14.67 -3.61
CA CYS A 383 13.87 -15.98 -3.36
C CYS A 383 12.38 -16.10 -3.58
N HIS A 384 11.65 -15.04 -3.33
CA HIS A 384 10.17 -15.17 -3.35
C HIS A 384 9.56 -15.03 -4.64
N ALA A 385 10.08 -14.22 -5.53
CA ALA A 385 9.37 -14.09 -6.83
C ALA A 385 9.20 -15.41 -7.59
N PRO A 386 10.20 -16.31 -7.58
CA PRO A 386 9.92 -17.49 -8.39
C PRO A 386 8.99 -18.51 -7.73
N MET A 387 8.52 -18.22 -6.49
CA MET A 387 7.70 -19.21 -5.78
C MET A 387 6.30 -19.23 -6.42
N GLN A 388 5.59 -20.35 -6.28
CA GLN A 388 4.25 -20.40 -6.87
C GLN A 388 3.29 -19.38 -6.19
N LYS A 389 2.41 -18.75 -6.97
CA LYS A 389 1.67 -17.56 -6.49
C LYS A 389 0.18 -17.84 -6.18
N THR A 390 -0.25 -19.08 -6.42
CA THR A 390 -1.66 -19.41 -6.47
C THR A 390 -2.18 -20.24 -5.28
N ALA A 391 -1.36 -21.11 -4.68
CA ALA A 391 -1.67 -21.81 -3.44
C ALA A 391 -0.93 -21.30 -2.15
N LEU A 392 -1.63 -21.42 -1.02
CA LEU A 392 -1.07 -21.27 0.31
C LEU A 392 -0.17 -22.42 0.61
N SER A 393 0.97 -22.14 1.21
CA SER A 393 1.95 -23.16 1.57
C SER A 393 1.51 -23.92 2.81
N GLN A 394 1.54 -25.25 2.73
CA GLN A 394 1.21 -26.14 3.85
C GLN A 394 2.19 -26.05 5.02
N ASN A 395 3.31 -25.42 4.79
CA ASN A 395 4.29 -25.25 5.83
C ASN A 395 3.96 -24.03 6.67
N SER A 396 3.10 -23.16 6.18
CA SER A 396 2.92 -21.86 6.77
C SER A 396 1.85 -21.87 7.85
N CYS A 397 0.90 -22.81 7.76
CA CYS A 397 -0.27 -22.81 8.66
C CYS A 397 0.10 -22.62 10.10
N ILE A 398 1.05 -23.40 10.58
CA ILE A 398 1.39 -23.43 11.98
C ILE A 398 2.17 -22.18 12.47
N GLN A 399 2.56 -21.29 11.55
CA GLN A 399 3.27 -20.06 11.98
C GLN A 399 2.27 -19.02 12.40
N CYS A 400 0.98 -19.25 12.07
CA CYS A 400 -0.17 -18.40 12.58
C CYS A 400 -1.13 -19.10 13.53
N HIS A 401 -1.54 -20.32 13.15
CA HIS A 401 -2.39 -21.15 13.95
C HIS A 401 -1.73 -21.85 15.03
N GLU A 402 -2.23 -21.65 16.25
CA GLU A 402 -1.63 -22.26 17.43
C GLU A 402 -2.06 -23.70 17.66
N ALA A 403 -1.06 -24.52 18.04
CA ALA A 403 -1.27 -25.88 18.50
C ALA A 403 -1.54 -25.90 20.01
N GLY A 404 -2.05 -27.01 20.51
CA GLY A 404 -2.05 -27.25 21.95
C GLY A 404 -3.21 -26.57 22.63
N PHE A 405 -4.18 -26.05 21.86
CA PHE A 405 -5.52 -25.70 22.41
C PHE A 405 -6.41 -26.94 22.49
N PRO A 406 -7.55 -26.86 23.20
CA PRO A 406 -8.37 -28.10 23.31
C PRO A 406 -8.90 -28.57 21.94
N THR A 407 -9.07 -29.90 21.79
CA THR A 407 -9.58 -30.50 20.54
C THR A 407 -11.05 -30.95 20.60
N SER A 408 -11.71 -30.75 21.75
CA SER A 408 -13.16 -30.84 21.80
C SER A 408 -13.69 -30.07 22.96
N GLY A 409 -14.98 -29.84 22.94
CA GLY A 409 -15.61 -29.12 24.04
C GLY A 409 -16.01 -27.73 23.59
N THR A 410 -16.92 -27.12 24.34
CA THR A 410 -17.37 -25.78 24.07
C THR A 410 -16.87 -24.92 25.23
N GLN A 411 -16.73 -23.63 24.97
CA GLN A 411 -16.14 -22.67 25.91
C GLN A 411 -16.59 -21.33 25.39
N THR A 412 -16.93 -20.45 26.32
CA THR A 412 -17.24 -19.09 25.95
C THR A 412 -15.97 -18.31 26.30
N LEU A 413 -15.50 -17.52 25.32
CA LEU A 413 -14.28 -16.76 25.51
C LEU A 413 -14.66 -15.30 25.39
N GLY A 414 -14.61 -14.59 26.48
CA GLY A 414 -14.85 -13.16 26.36
C GLY A 414 -13.66 -12.48 25.67
N LYS A 415 -13.87 -11.24 25.27
CA LYS A 415 -12.84 -10.40 24.65
C LYS A 415 -11.55 -10.29 25.46
N GLU A 416 -11.67 -9.93 26.75
CA GLU A 416 -10.49 -9.76 27.64
C GLU A 416 -9.69 -11.05 27.89
N GLU A 417 -10.38 -12.19 27.99
CA GLU A 417 -9.65 -13.46 28.09
C GLU A 417 -8.88 -13.82 26.76
N ARG A 418 -9.48 -13.54 25.63
CA ARG A 418 -8.78 -13.74 24.33
C ARG A 418 -7.51 -12.87 24.30
N GLU A 419 -7.63 -11.60 24.71
CA GLU A 419 -6.55 -10.64 24.56
C GLU A 419 -5.47 -10.96 25.55
N ALA A 420 -5.84 -11.46 26.69
CA ALA A 420 -4.86 -11.92 27.68
C ALA A 420 -4.06 -13.18 27.22
N THR A 421 -4.77 -14.19 26.77
CA THR A 421 -4.11 -15.42 26.28
C THR A 421 -3.14 -15.11 25.13
N ALA A 422 -3.61 -14.43 24.10
CA ALA A 422 -2.77 -13.95 23.03
C ALA A 422 -1.48 -13.24 23.47
N ALA A 423 -1.55 -12.32 24.43
CA ALA A 423 -0.39 -11.55 24.75
C ALA A 423 0.61 -12.47 25.37
N LYS A 424 0.06 -13.46 26.07
CA LYS A 424 0.93 -14.40 26.79
C LYS A 424 1.56 -15.36 25.76
N ILE A 425 0.77 -15.80 24.79
CA ILE A 425 1.35 -16.68 23.69
C ILE A 425 2.47 -15.96 22.92
N LEU A 426 2.25 -14.69 22.53
CA LEU A 426 3.18 -13.92 21.73
C LEU A 426 4.47 -13.67 22.50
N ALA A 427 4.36 -13.29 23.78
CA ALA A 427 5.61 -13.06 24.49
C ALA A 427 6.41 -14.32 24.72
N ALA A 428 5.79 -15.48 24.86
CA ALA A 428 6.52 -16.69 25.20
C ALA A 428 7.27 -17.27 24.00
N LYS A 429 6.99 -16.78 22.81
CA LYS A 429 7.73 -17.18 21.61
C LYS A 429 8.80 -16.17 21.36
N ASP A 430 9.02 -15.22 22.26
CA ASP A 430 9.74 -14.01 21.87
C ASP A 430 11.22 -14.47 21.65
N GLU A 431 11.46 -15.09 20.48
CA GLU A 431 12.52 -16.07 20.19
C GLU A 431 13.70 -15.47 19.47
N LYS A 432 14.90 -15.83 19.93
CA LYS A 432 16.14 -15.65 19.18
C LYS A 432 16.03 -16.44 17.87
N PRO A 433 15.99 -15.76 16.71
CA PRO A 433 15.96 -16.64 15.54
C PRO A 433 17.35 -17.26 15.21
N LYS A 434 17.29 -18.31 14.39
CA LYS A 434 18.44 -19.16 14.12
C LYS A 434 18.81 -19.18 12.64
N THR A 435 20.13 -19.26 12.44
CA THR A 435 20.75 -19.33 11.14
C THR A 435 21.75 -20.49 11.20
N VAL A 436 22.23 -20.91 10.04
CA VAL A 436 23.10 -22.03 9.98
C VAL A 436 24.54 -21.55 10.27
N PRO A 437 25.28 -22.18 11.23
CA PRO A 437 26.69 -21.92 11.42
C PRO A 437 27.45 -21.89 10.12
N LEU A 438 28.27 -20.86 9.95
CA LEU A 438 28.95 -20.62 8.69
C LEU A 438 29.85 -21.71 8.33
N GLU A 439 30.32 -22.48 9.30
CA GLU A 439 31.23 -23.57 8.99
C GLU A 439 30.55 -24.70 8.18
N ASN A 440 29.22 -24.75 8.27
CA ASN A 440 28.32 -25.66 7.54
C ASN A 440 27.83 -25.15 6.20
N VAL A 441 28.33 -23.99 5.79
CA VAL A 441 27.87 -23.38 4.56
C VAL A 441 29.13 -23.26 3.71
N PRO A 442 29.25 -24.10 2.66
CA PRO A 442 30.43 -23.96 1.82
C PRO A 442 30.80 -22.52 1.41
N GLU A 443 32.10 -22.21 1.46
CA GLU A 443 32.53 -20.82 1.25
C GLU A 443 32.39 -20.36 -0.18
N LYS A 444 33.05 -21.06 -1.09
CA LYS A 444 32.99 -20.61 -2.47
C LYS A 444 33.09 -21.82 -3.40
N LEU A 445 32.46 -21.75 -4.56
CA LEU A 445 32.24 -22.96 -5.32
C LEU A 445 32.63 -22.59 -6.71
N THR A 446 33.09 -23.57 -7.47
CA THR A 446 33.41 -23.34 -8.86
C THR A 446 32.54 -24.31 -9.58
N LEU A 447 31.70 -23.83 -10.48
CA LEU A 447 30.71 -24.71 -11.06
C LEU A 447 31.10 -25.13 -12.48
N ASN A 448 31.32 -26.40 -12.72
CA ASN A 448 31.82 -26.88 -14.05
C ASN A 448 31.00 -28.08 -14.57
N TYR A 449 29.66 -27.91 -14.60
CA TYR A 449 28.77 -29.03 -14.99
C TYR A 449 28.73 -29.21 -16.47
N MET A 450 29.02 -28.17 -17.25
CA MET A 450 28.81 -28.24 -18.71
C MET A 450 30.06 -28.00 -19.58
N LYS A 453 31.41 -30.30 -24.27
CA LYS A 453 32.18 -29.38 -25.12
C LYS A 453 31.51 -28.98 -26.48
N GLY A 454 32.13 -28.04 -27.21
CA GLY A 454 31.38 -27.01 -27.96
C GLY A 454 30.93 -25.92 -26.95
N ASP A 455 31.47 -25.99 -25.72
CA ASP A 455 31.31 -24.98 -24.69
C ASP A 455 32.00 -23.67 -25.12
N GLU A 456 31.71 -22.57 -24.38
CA GLU A 456 32.30 -21.24 -24.67
C GLU A 456 32.79 -20.49 -23.44
N TRP A 457 32.59 -21.04 -22.25
CA TRP A 457 32.87 -20.30 -21.02
C TRP A 457 33.63 -21.11 -20.00
N GLN A 458 34.45 -20.47 -19.21
CA GLN A 458 35.05 -21.15 -18.11
C GLN A 458 33.98 -21.48 -17.04
N ALA A 459 34.38 -22.21 -16.00
CA ALA A 459 33.54 -22.45 -14.82
C ALA A 459 33.15 -21.15 -14.12
N ALA A 460 31.92 -21.09 -13.68
CA ALA A 460 31.40 -19.95 -12.94
C ALA A 460 31.96 -20.01 -11.56
N GLU A 461 32.45 -18.86 -11.09
CA GLU A 461 32.84 -18.71 -9.70
C GLU A 461 31.57 -18.25 -9.02
N PHE A 462 31.35 -18.74 -7.81
CA PHE A 462 30.04 -18.57 -7.13
C PHE A 462 30.39 -18.41 -5.64
N PRO A 463 30.30 -17.16 -5.12
CA PRO A 463 30.49 -16.85 -3.69
C PRO A 463 29.36 -17.22 -2.72
N HIS A 464 29.19 -18.54 -2.57
CA HIS A 464 28.09 -19.20 -1.93
C HIS A 464 27.89 -18.70 -0.48
N ARG A 465 28.87 -18.80 0.41
CA ARG A 465 28.63 -18.35 1.79
C ARG A 465 28.35 -16.82 1.95
N LYS A 466 29.00 -16.04 1.14
CA LYS A 466 28.88 -14.61 1.23
C LYS A 466 27.50 -14.22 0.75
N ILE A 467 26.99 -14.92 -0.26
CA ILE A 467 25.60 -14.66 -0.72
C ILE A 467 24.59 -15.11 0.37
N TYR A 468 24.73 -16.31 0.90
CA TYR A 468 23.87 -16.79 2.00
C TYR A 468 23.89 -15.73 3.15
N GLN A 469 25.07 -15.27 3.54
CA GLN A 469 25.21 -14.22 4.59
C GLN A 469 24.50 -12.93 4.30
N LYS A 470 24.62 -12.41 3.08
CA LYS A 470 23.98 -11.18 2.67
C LYS A 470 22.45 -11.38 2.67
N LEU A 471 22.00 -12.51 2.15
CA LEU A 471 20.55 -12.70 2.10
C LEU A 471 19.97 -12.76 3.51
N VAL A 472 20.67 -13.46 4.40
CA VAL A 472 20.28 -13.65 5.79
C VAL A 472 20.35 -12.35 6.60
N GLU A 473 21.36 -11.56 6.34
CA GLU A 473 21.55 -10.38 7.17
C GLU A 473 20.48 -9.37 6.79
N GLU A 474 20.14 -9.29 5.51
CA GLU A 474 19.03 -8.45 5.15
C GLU A 474 17.65 -8.93 5.59
N ALA A 475 17.35 -10.23 5.51
CA ALA A 475 16.05 -10.80 5.99
C ALA A 475 15.91 -10.66 7.50
N ALA A 476 17.05 -10.75 8.20
CA ALA A 476 17.08 -10.65 9.64
C ALA A 476 16.56 -9.30 10.16
N LYS A 477 16.49 -8.31 9.28
CA LYS A 477 15.87 -7.03 9.61
C LYS A 477 14.35 -7.04 9.64
N SER A 478 13.74 -8.14 9.16
CA SER A 478 12.31 -8.17 8.96
C SER A 478 11.75 -9.08 10.00
N PRO A 479 11.04 -8.58 11.02
CA PRO A 479 10.39 -9.49 11.91
C PRO A 479 9.51 -10.60 11.17
N MET A 480 8.85 -10.25 10.07
CA MET A 480 8.02 -11.17 9.24
C MET A 480 8.83 -12.30 8.69
N ALA A 481 9.97 -12.00 8.05
CA ALA A 481 10.94 -13.03 7.63
C ALA A 481 11.43 -13.92 8.77
N ASN A 482 11.84 -13.30 9.87
CA ASN A 482 12.34 -14.10 10.99
C ASN A 482 11.29 -14.99 11.57
N HIS A 483 10.06 -14.53 11.59
CA HIS A 483 8.96 -15.37 12.13
C HIS A 483 8.61 -16.52 11.17
N PHE A 484 8.37 -16.19 9.93
CA PHE A 484 7.82 -17.19 8.96
C PHE A 484 8.84 -18.14 8.38
N HIS A 485 10.10 -17.70 8.33
CA HIS A 485 11.23 -18.65 8.11
C HIS A 485 11.34 -19.78 9.09
N GLY A 486 11.17 -19.57 10.35
CA GLY A 486 10.87 -20.77 11.17
C GLY A 486 12.27 -21.24 11.37
N ASP A 487 12.51 -22.42 10.79
CA ASP A 487 13.77 -23.14 10.85
C ASP A 487 14.99 -22.49 10.15
N ALA A 488 16.18 -22.67 10.73
CA ALA A 488 17.43 -22.16 10.15
C ALA A 488 17.66 -22.64 8.69
N LEU A 489 17.22 -23.87 8.37
CA LEU A 489 17.38 -24.44 7.01
C LEU A 489 16.42 -23.82 6.04
N THR A 490 15.37 -23.12 6.48
CA THR A 490 14.45 -22.62 5.44
C THR A 490 14.98 -21.73 4.30
N MET A 491 15.76 -20.73 4.71
CA MET A 491 16.34 -19.84 3.71
C MET A 491 17.19 -20.57 2.69
N CYS A 492 17.83 -21.62 3.11
CA CYS A 492 18.61 -22.46 2.22
C CYS A 492 17.72 -22.88 1.03
N SER A 493 16.43 -23.19 1.31
CA SER A 493 15.45 -23.72 0.37
C SER A 493 15.06 -22.74 -0.69
N GLY A 494 15.48 -21.50 -0.53
CA GLY A 494 15.16 -20.55 -1.60
C GLY A 494 15.94 -20.82 -2.87
N CYS A 495 17.05 -21.52 -2.72
CA CYS A 495 17.79 -21.99 -3.88
C CYS A 495 17.65 -23.50 -3.98
N HIS A 496 17.92 -24.22 -2.89
CA HIS A 496 17.77 -25.63 -2.79
C HIS A 496 16.34 -26.05 -2.51
N HIS A 497 15.50 -25.86 -3.48
CA HIS A 497 14.07 -25.97 -3.27
C HIS A 497 13.62 -27.42 -3.66
N ASN A 498 12.34 -27.68 -3.39
CA ASN A 498 11.65 -28.89 -3.84
C ASN A 498 12.27 -30.14 -3.29
N ALA A 499 12.87 -30.11 -2.11
CA ALA A 499 13.42 -31.33 -1.54
C ALA A 499 13.32 -31.05 -0.06
N LYS A 500 13.41 -32.07 0.80
CA LYS A 500 13.56 -31.92 2.23
C LYS A 500 14.77 -30.99 2.59
N PRO A 501 14.54 -29.94 3.43
CA PRO A 501 15.63 -29.10 3.88
C PRO A 501 16.78 -29.89 4.41
N SER A 502 18.00 -29.51 4.04
CA SER A 502 19.11 -30.31 4.54
C SER A 502 20.36 -29.44 4.55
N LEU A 503 21.36 -29.84 5.32
CA LEU A 503 22.67 -29.17 5.29
C LEU A 503 23.49 -29.66 4.08
N ASN A 504 23.07 -30.77 3.49
CA ASN A 504 23.71 -31.25 2.26
C ASN A 504 22.60 -31.50 1.30
N PRO A 505 22.19 -30.40 0.62
CA PRO A 505 21.07 -30.51 -0.27
C PRO A 505 21.52 -31.24 -1.56
N PRO A 506 20.57 -31.84 -2.30
CA PRO A 506 21.02 -32.48 -3.54
C PRO A 506 21.67 -31.47 -4.53
N LYS A 507 22.42 -31.98 -5.52
CA LYS A 507 22.88 -31.18 -6.63
C LYS A 507 21.73 -30.80 -7.57
N CYS A 508 21.80 -29.59 -8.13
CA CYS A 508 20.79 -29.08 -9.07
C CYS A 508 20.59 -30.15 -10.19
N ALA A 509 21.69 -30.64 -10.70
CA ALA A 509 21.70 -31.71 -11.76
C ALA A 509 20.87 -32.91 -11.36
N SER A 510 20.93 -33.34 -10.09
CA SER A 510 20.14 -34.50 -9.71
C SER A 510 18.68 -34.38 -10.19
N CYS A 511 18.13 -33.18 -10.29
CA CYS A 511 16.76 -33.02 -10.82
C CYS A 511 16.68 -32.39 -12.19
N HIS A 512 17.63 -31.53 -12.50
CA HIS A 512 17.56 -30.76 -13.75
C HIS A 512 18.32 -31.38 -14.90
N SER A 513 19.13 -32.38 -14.63
CA SER A 513 19.73 -33.11 -15.73
C SER A 513 18.95 -34.38 -16.03
N LYS A 514 17.82 -34.62 -15.36
CA LYS A 514 16.93 -35.71 -15.76
C LYS A 514 16.45 -35.52 -17.20
N PRO A 515 16.10 -36.64 -17.89
CA PRO A 515 15.64 -36.45 -19.26
C PRO A 515 14.45 -35.55 -19.29
N PHE A 516 14.36 -34.78 -20.33
CA PHE A 516 13.26 -33.89 -20.53
C PHE A 516 11.83 -34.45 -20.23
N GLN A 517 11.52 -35.68 -20.64
CA GLN A 517 10.14 -36.21 -20.46
C GLN A 517 9.84 -36.55 -19.02
N GLU A 518 10.85 -36.52 -18.16
CA GLU A 518 10.70 -36.73 -16.71
C GLU A 518 10.54 -35.41 -15.89
N ARG A 519 10.77 -34.27 -16.49
CA ARG A 519 10.76 -33.02 -15.77
C ARG A 519 9.39 -32.42 -15.97
N THR A 520 8.87 -31.61 -15.01
CA THR A 520 7.61 -30.92 -15.20
C THR A 520 7.81 -29.72 -16.08
N ALA A 521 6.74 -29.05 -16.49
CA ALA A 521 6.88 -28.08 -17.56
C ALA A 521 7.80 -26.90 -17.20
N ASN A 522 7.72 -26.45 -15.95
CA ASN A 522 8.51 -25.32 -15.46
C ASN A 522 9.80 -25.75 -14.77
N GLN A 523 10.27 -26.97 -15.02
CA GLN A 523 11.51 -27.55 -14.52
C GLN A 523 12.50 -27.64 -15.67
N PRO A 524 13.33 -26.60 -15.79
CA PRO A 524 14.29 -26.56 -16.88
C PRO A 524 15.38 -27.64 -16.87
N GLY A 525 16.13 -27.74 -17.98
CA GLY A 525 17.36 -28.49 -18.04
C GLY A 525 18.40 -27.68 -17.26
N LEU A 526 19.62 -28.19 -17.20
CA LEU A 526 20.56 -27.75 -16.20
C LEU A 526 21.08 -26.33 -16.47
N LYS A 527 21.48 -26.05 -17.72
CA LYS A 527 21.85 -24.65 -18.07
C LYS A 527 20.74 -23.66 -17.76
N GLY A 528 19.49 -23.95 -18.14
CA GLY A 528 18.35 -23.13 -17.81
C GLY A 528 18.09 -22.97 -16.32
N ALA A 529 18.24 -24.05 -15.57
CA ALA A 529 18.13 -24.00 -14.13
C ALA A 529 19.12 -22.97 -13.58
N PHE A 530 20.39 -23.11 -13.93
CA PHE A 530 21.36 -22.15 -13.41
C PHE A 530 21.11 -20.79 -13.88
N HIS A 531 21.04 -20.60 -15.19
CA HIS A 531 20.77 -19.24 -15.65
C HIS A 531 19.51 -18.62 -15.06
N ASN A 532 18.41 -19.34 -15.06
CA ASN A 532 17.18 -18.73 -14.57
C ASN A 532 17.18 -18.40 -13.09
N GLN A 533 17.75 -19.25 -12.28
CA GLN A 533 17.81 -19.01 -10.84
C GLN A 533 18.90 -17.97 -10.52
N CYS A 534 20.12 -18.13 -11.04
CA CYS A 534 21.21 -17.17 -10.75
C CYS A 534 20.84 -15.79 -11.19
N ILE A 535 20.73 -15.66 -12.50
CA ILE A 535 20.45 -14.40 -13.11
C ILE A 535 19.09 -13.86 -12.64
N GLY A 536 18.05 -14.70 -12.56
CA GLY A 536 16.72 -14.27 -12.12
C GLY A 536 16.88 -13.48 -10.80
N CYS A 537 17.58 -14.02 -9.82
CA CYS A 537 17.70 -13.34 -8.53
C CYS A 537 18.45 -12.02 -8.66
N HIS A 538 19.49 -12.00 -9.50
CA HIS A 538 20.28 -10.78 -9.74
C HIS A 538 19.37 -9.75 -10.33
N GLN A 539 18.55 -10.14 -11.30
CA GLN A 539 17.59 -9.12 -11.81
C GLN A 539 16.58 -8.67 -10.75
N GLU A 540 16.10 -9.57 -9.87
CA GLU A 540 15.15 -9.07 -8.86
C GLU A 540 15.78 -8.14 -7.82
N MET A 541 16.98 -8.49 -7.40
CA MET A 541 17.62 -7.81 -6.31
C MET A 541 18.46 -6.64 -6.85
N GLN A 542 18.68 -6.58 -8.15
CA GLN A 542 19.45 -5.49 -8.74
C GLN A 542 20.88 -5.58 -8.29
N VAL A 543 21.44 -6.79 -8.38
CA VAL A 543 22.84 -6.96 -8.04
C VAL A 543 23.62 -7.33 -9.28
N ASN A 544 24.91 -7.05 -9.19
CA ASN A 544 25.86 -7.40 -10.20
C ASN A 544 26.52 -8.75 -9.87
N PRO A 545 26.91 -9.52 -10.90
CA PRO A 545 26.84 -9.27 -12.37
C PRO A 545 25.41 -9.22 -12.92
N LYS A 546 25.14 -8.31 -13.86
CA LYS A 546 23.85 -8.23 -14.52
C LYS A 546 23.75 -9.31 -15.59
N ALA A 547 22.55 -9.55 -16.08
CA ALA A 547 22.30 -10.65 -16.99
C ALA A 547 23.21 -10.57 -18.23
N THR A 548 23.57 -9.34 -18.62
CA THR A 548 24.35 -9.10 -19.86
C THR A 548 25.84 -9.10 -19.56
N ASP A 549 26.18 -9.18 -18.26
CA ASP A 549 27.59 -9.18 -17.83
C ASP A 549 28.09 -10.62 -17.76
N CYS A 550 28.08 -11.33 -18.91
CA CYS A 550 28.44 -12.76 -18.93
C CYS A 550 29.66 -13.08 -18.18
N GLN A 551 30.72 -12.37 -18.51
CA GLN A 551 32.05 -12.52 -17.97
C GLN A 551 32.08 -12.28 -16.46
N GLY A 552 31.11 -11.55 -15.92
CA GLY A 552 31.05 -11.40 -14.46
C GLY A 552 30.86 -12.71 -13.74
N CYS A 553 30.10 -13.63 -14.32
CA CYS A 553 30.00 -14.98 -13.74
C CYS A 553 30.99 -16.00 -14.28
N HIS A 554 31.18 -16.05 -15.58
CA HIS A 554 32.13 -17.00 -16.11
C HIS A 554 33.01 -16.36 -17.16
N LYS A 555 34.32 -16.47 -16.97
CA LYS A 555 35.29 -15.87 -17.92
C LYS A 555 35.27 -16.62 -19.25
N PRO A 556 35.50 -15.91 -20.36
CA PRO A 556 35.40 -16.56 -21.69
C PRO A 556 36.42 -17.72 -21.86
N LYS A 557 36.08 -18.76 -22.63
CA LYS A 557 36.93 -19.96 -22.64
C LYS A 557 38.24 -19.80 -23.43
N ASN A 558 39.31 -20.50 -23.01
CA ASN A 558 40.52 -20.65 -23.88
C ASN A 558 40.54 -21.90 -24.80
N SER A 559 40.04 -21.70 -26.03
CA SER A 559 39.57 -22.77 -26.91
C SER A 559 40.69 -23.71 -27.37
C1 NAG B . -22.29 -10.13 26.05
C2 NAG B . -22.41 -10.90 27.37
C3 NAG B . -23.14 -12.25 27.09
C4 NAG B . -24.36 -11.97 26.21
C5 NAG B . -23.72 -11.75 24.83
C6 NAG B . -24.68 -11.06 23.88
C7 NAG B . -20.47 -9.93 28.56
C8 NAG B . -19.05 -10.10 29.05
N2 NAG B . -21.05 -10.96 27.92
O3 NAG B . -23.54 -13.17 28.12
O4 NAG B . -25.43 -12.95 26.28
O5 NAG B . -22.51 -10.99 24.92
O6 NAG B . -24.88 -11.99 22.85
O7 NAG B . -21.04 -8.85 28.74
C1 NAA B . -23.28 -12.69 29.45
C2 NAA B . -24.35 -13.16 30.42
C3 NAA B . -24.08 -12.65 31.84
C4 NAA B . -22.59 -12.66 32.22
C5 NAA B . -21.62 -12.33 31.08
C6 NAA B . -20.18 -12.66 31.44
C7 NAA B . -26.68 -13.59 29.76
C8 NAA B . -26.44 -15.11 29.97
N2 NAA B . -25.67 -12.73 29.98
O3 NAA B . -24.69 -11.35 31.93
O4 NAA B . -22.35 -11.70 33.25
O5 NAA B . -21.98 -13.09 29.92
O6 NAA B . -19.72 -11.60 32.29
O7 NAA B . -27.78 -13.15 29.40
ZN ZN C . 7.67 -14.90 15.90
ZN ZN D . -9.08 -5.26 25.97
ZN ZN E . 31.86 -23.96 -19.65
FE HEC F . -5.44 25.18 -9.59
CHA HEC F . -7.27 22.24 -9.99
CHB HEC F . -4.54 24.02 -6.41
CHC HEC F . -3.37 27.93 -9.15
CHD HEC F . -5.99 26.02 -12.76
NA HEC F . -5.83 23.43 -8.37
C1A HEC F . -6.57 22.36 -8.81
C2A HEC F . -6.52 21.35 -7.74
C3A HEC F . -5.78 21.82 -6.75
C4A HEC F . -5.33 23.16 -7.14
CMA HEC F . -5.43 21.09 -5.43
CAA HEC F . -7.23 20.00 -7.84
CBA HEC F . -6.58 19.19 -8.93
CGA HEC F . -7.51 18.03 -9.17
O1A HEC F . -8.39 17.79 -8.32
O2A HEC F . -7.39 17.31 -10.18
NB HEC F . -4.16 25.85 -8.05
C1B HEC F . -3.99 25.22 -6.82
C2B HEC F . -3.08 26.05 -6.07
C3B HEC F . -2.75 27.14 -6.81
C4B HEC F . -3.43 27.03 -8.08
CMB HEC F . -2.64 25.74 -4.63
CAB HEC F . -1.83 28.30 -6.42
CBB HEC F . -0.40 27.88 -6.80
NC HEC F . -4.74 26.69 -10.77
C1C HEC F . -4.00 27.78 -10.38
C2C HEC F . -3.82 28.61 -11.56
C3C HEC F . -4.71 28.18 -12.53
C4C HEC F . -5.19 26.89 -12.05
CMC HEC F . -3.25 30.04 -11.38
CAC HEC F . -5.07 28.76 -13.95
CBC HEC F . -3.85 29.07 -14.85
ND HEC F . -6.47 24.27 -11.12
C1D HEC F . -6.59 24.86 -12.37
C2D HEC F . -7.43 24.05 -13.21
C3D HEC F . -7.84 22.87 -12.36
C4D HEC F . -7.19 23.09 -11.09
CMD HEC F . -7.85 24.29 -14.68
CAD HEC F . -8.79 21.72 -12.83
CBD HEC F . -10.13 22.01 -12.13
CGD HEC F . -11.39 22.17 -12.98
O1D HEC F . -11.53 21.54 -14.10
O2D HEC F . -12.30 22.90 -12.51
FE HEC G . -3.36 28.62 -19.99
CHA HEC G . -0.53 28.25 -21.67
CHB HEC G . -4.60 25.57 -21.60
CHC HEC G . -6.23 28.69 -18.45
CHD HEC G . -2.34 31.41 -18.54
NA HEC G . -2.78 27.18 -21.32
C1A HEC G . -1.51 27.30 -21.89
C2A HEC G . -1.27 26.21 -22.82
C3A HEC G . -2.40 25.47 -22.81
C4A HEC G . -3.33 26.06 -21.87
CMA HEC G . -2.69 24.19 -23.61
CAA HEC G . 0.04 26.03 -23.65
CBA HEC G . 1.18 25.22 -22.99
CGA HEC G . 2.52 25.10 -23.74
O1A HEC G . 2.62 25.51 -24.95
O2A HEC G . 3.53 24.60 -23.13
NB HEC G . -5.06 27.34 -20.05
C1B HEC G . -5.39 26.16 -20.69
C2B HEC G . -6.67 25.66 -20.29
C3B HEC G . -7.10 26.55 -19.39
C4B HEC G . -6.11 27.62 -19.26
CMB HEC G . -7.25 24.34 -20.80
CAB HEC G . -8.41 26.54 -18.53
CBB HEC G . -8.64 25.16 -17.83
NC HEC G . -4.16 29.84 -18.71
C1C HEC G . -5.41 29.71 -18.20
C2C HEC G . -5.62 30.79 -17.24
C3C HEC G . -4.54 31.58 -17.30
C4C HEC G . -3.61 30.97 -18.23
CMC HEC G . -6.95 31.07 -16.49
CAC HEC G . -4.25 32.89 -16.56
CBC HEC G . -5.07 33.16 -15.26
ND HEC G . -1.68 29.71 -20.13
C1D HEC G . -1.41 30.80 -19.36
C2D HEC G . -0.01 31.20 -19.54
C3D HEC G . 0.56 30.19 -20.55
C4D HEC G . -0.56 29.29 -20.83
CMD HEC G . 0.77 32.38 -18.90
CAD HEC G . 2.00 30.18 -21.08
CBD HEC G . 2.87 29.10 -20.42
CGD HEC G . 3.89 28.59 -21.42
O1D HEC G . 4.08 29.27 -22.48
O2D HEC G . 4.53 27.51 -21.18
FE HEC H . -12.89 22.79 -26.04
CHA HEC H . -14.74 21.04 -23.78
CHB HEC H . -14.91 21.56 -28.59
CHC HEC H . -11.00 24.44 -28.45
CHD HEC H . -10.62 23.69 -23.67
NA HEC H . -14.52 21.48 -26.17
C1A HEC H . -15.19 20.97 -25.08
C2A HEC H . -16.44 20.40 -25.57
C3A HEC H . -16.48 20.53 -26.90
C4A HEC H . -15.27 21.21 -27.31
CMA HEC H . -17.60 20.07 -27.84
CAA HEC H . -17.50 19.71 -24.71
CBA HEC H . -16.91 18.34 -24.41
CGA HEC H . -16.99 17.41 -25.63
O1A HEC H . -18.12 17.03 -26.01
O2A HEC H . -15.93 17.03 -26.20
NB HEC H . -12.98 22.98 -28.13
C1B HEC H . -13.87 22.37 -28.97
C2B HEC H . -13.55 22.72 -30.34
C3B HEC H . -12.47 23.54 -30.30
C4B HEC H . -12.08 23.70 -28.91
CMB HEC H . -14.34 22.25 -31.60
CAB HEC H . -11.74 24.21 -31.47
CBB HEC H . -12.50 25.48 -31.90
NC HEC H . -11.10 23.80 -26.07
C1C HEC H . -10.56 24.49 -27.15
C2C HEC H . -9.43 25.24 -26.66
C3C HEC H . -9.39 25.12 -25.31
C4C HEC H . -10.40 24.15 -24.94
CMC HEC H . -8.61 26.21 -27.56
CAC HEC H . -8.37 25.69 -24.26
CBC HEC H . -8.14 27.22 -24.28
ND HEC H . -12.68 22.40 -24.01
C1D HEC H . -11.70 22.97 -23.21
C2D HEC H . -12.00 22.66 -21.80
C3D HEC H . -13.30 21.83 -21.86
C4D HEC H . -13.64 21.71 -23.26
CMD HEC H . -11.20 23.08 -20.55
CAD HEC H . -14.07 21.21 -20.68
CBD HEC H . -13.74 19.75 -20.82
CGD HEC H . -14.75 18.84 -20.15
O1D HEC H . -15.27 19.24 -19.07
O2D HEC H . -15.00 17.72 -20.66
FE HEC I . -7.44 12.12 12.21
CHA HEC I . -7.30 9.59 9.86
CHB HEC I . -8.44 9.84 14.53
CHC HEC I . -7.21 14.49 14.45
CHD HEC I . -7.14 14.48 9.66
NA HEC I . -7.83 10.06 12.17
C1A HEC I . -7.59 9.20 11.12
C2A HEC I . -7.76 7.84 11.63
C3A HEC I . -8.08 7.89 12.93
C4A HEC I . -8.13 9.31 13.30
CMA HEC I . -8.36 6.70 13.88
CAA HEC I . -7.56 6.57 10.79
CBA HEC I . -6.03 6.56 10.61
CGA HEC I . -5.73 5.50 9.59
O1A HEC I . -6.64 4.78 9.14
O2A HEC I . -4.57 5.35 9.26
NB HEC I . -7.80 12.15 14.17
C1B HEC I . -8.17 11.11 14.99
C2B HEC I . -8.19 11.61 16.35
C3B HEC I . -7.85 12.90 16.30
C4B HEC I . -7.60 13.26 14.92
CMB HEC I . -8.58 10.80 17.59
CAB HEC I . -7.66 13.92 17.46
CBB HEC I . -6.50 13.48 18.41
NC HEC I . -7.29 14.15 12.06
C1C HEC I . -7.07 14.91 13.17
C2C HEC I . -6.76 16.26 12.75
C3C HEC I . -6.58 16.23 11.40
C4C HEC I . -7.03 14.91 10.96
CMC HEC I . -6.29 17.33 13.77
CAC HEC I . -6.23 17.41 10.41
CBC HEC I . -4.76 17.80 10.29
ND HEC I . -7.25 12.06 10.13
C1D HEC I . -7.16 13.16 9.26
C2D HEC I . -7.06 12.71 7.88
C3D HEC I . -7.13 11.20 7.97
C4D HEC I . -7.22 10.88 9.38
CMD HEC I . -6.94 13.52 6.55
CAD HEC I . -7.05 10.18 6.82
CBD HEC I . -5.63 10.18 6.31
CGD HEC I . -5.39 9.10 5.31
O1D HEC I . -6.26 8.23 5.14
O2D HEC I . -4.32 9.13 4.64
FE HEC J . -16.35 15.07 5.07
CHA HEC J . -18.15 17.26 3.45
CHB HEC J . -13.41 16.68 4.23
CHC HEC J . -14.51 12.68 6.80
CHD HEC J . -19.20 12.93 5.55
NA HEC J . -15.85 16.65 4.02
C1A HEC J . -16.79 17.47 3.43
C2A HEC J . -16.11 18.61 2.82
C3A HEC J . -14.78 18.44 3.03
C4A HEC J . -14.60 17.21 3.79
CMA HEC J . -13.62 19.37 2.57
CAA HEC J . -16.81 19.77 2.03
CBA HEC J . -17.42 21.01 2.75
CGA HEC J . -18.25 21.84 1.73
O1A HEC J . -18.25 23.12 1.73
O2A HEC J . -18.97 21.20 0.87
NB HEC J . -14.28 14.73 5.46
C1B HEC J . -13.29 15.58 5.06
C2B HEC J . -12.08 15.10 5.68
C3B HEC J . -12.37 13.98 6.41
C4B HEC J . -13.78 13.74 6.26
CMB HEC J . -10.73 15.80 5.45
CAB HEC J . -11.43 13.10 7.27
CBB HEC J . -10.38 13.89 8.07
NC HEC J . -16.80 13.15 5.96
C1C HEC J . -15.85 12.41 6.65
C2C HEC J . -16.54 11.30 7.28
C3C HEC J . -17.84 11.32 6.93
C4C HEC J . -18.01 12.49 6.10
CMC HEC J . -15.78 10.24 8.11
CAC HEC J . -18.97 10.32 7.32
CBC HEC J . -19.20 10.02 8.83
ND HEC J . -18.40 15.06 4.56
C1D HEC J . -19.39 14.15 4.89
C2D HEC J . -20.66 14.69 4.47
C3D HEC J . -20.32 16.03 3.81
C4D HEC J . -18.88 16.19 3.92
CMD HEC J . -22.04 14.05 4.63
CAD HEC J . -21.30 17.05 3.17
CBD HEC J . -21.89 16.44 1.90
CGD HEC J . -22.87 17.44 1.32
O1D HEC J . -24.04 17.01 1.20
O2D HEC J . -22.50 18.63 1.00
FE HEC K . -1.06 19.07 6.47
CHA HEC K . 2.31 19.59 7.38
CHB HEC K . 0.01 16.90 4.13
CHC HEC K . -4.36 18.08 5.82
CHD HEC K . -2.13 21.55 8.23
NA HEC K . 0.82 18.39 5.91
C1A HEC K . 2.08 18.67 6.39
C2A HEC K . 3.07 17.96 5.66
C3A HEC K . 2.43 17.21 4.79
C4A HEC K . 0.99 17.45 4.91
CMA HEC K . 3.02 16.23 3.79
CAA HEC K . 4.59 17.97 5.99
CBA HEC K . 5.52 18.62 5.01
CGA HEC K . 6.89 18.19 5.42
O1A HEC K . 7.09 17.85 6.63
O2A HEC K . 7.78 18.23 4.51
NB HEC K . -1.99 17.78 5.25
C1B HEC K . -1.34 16.94 4.36
C2B HEC K . -2.29 16.08 3.73
C3B HEC K . -3.49 16.39 4.24
C4B HEC K . -3.32 17.46 5.18
CMB HEC K . -1.90 15.02 2.68
CAB HEC K . -4.92 15.83 3.96
CBB HEC K . -4.98 14.30 3.65
NC HEC K . -2.92 19.72 6.82
C1C HEC K . -4.16 19.19 6.56
C2C HEC K . -5.17 19.98 7.21
C3C HEC K . -4.52 20.82 8.01
C4C HEC K . -3.11 20.74 7.70
CMC HEC K . -6.67 19.55 7.29
CAC HEC K . -5.09 21.90 9.00
CBC HEC K . -6.64 21.88 9.16
ND HEC K . -0.06 20.40 7.54
C1D HEC K . -0.79 21.28 8.33
C2D HEC K . 0.12 21.92 9.25
C3D HEC K . 1.50 21.29 8.95
C4D HEC K . 1.30 20.37 7.90
CMD HEC K . -0.21 22.99 10.33
CAD HEC K . 2.85 21.53 9.62
CBD HEC K . 2.97 20.52 10.76
CGD HEC K . 3.96 21.04 11.79
O1D HEC K . 5.15 20.64 11.72
O2D HEC K . 3.57 21.88 12.66
FE HEC L . -3.95 15.59 -5.17
CHA HEC L . -5.88 12.76 -5.04
CHB HEC L . -3.93 15.42 -8.64
CHC HEC L . -2.12 18.45 -5.39
CHD HEC L . -3.44 15.46 -1.85
NA HEC L . -4.75 14.38 -6.55
C1A HEC L . -5.46 13.22 -6.26
C2A HEC L . -5.74 12.54 -7.51
C3A HEC L . -5.20 13.24 -8.49
C4A HEC L . -4.57 14.42 -7.92
CMA HEC L . -5.24 12.90 -10.00
CAA HEC L . -6.49 11.19 -7.58
CBA HEC L . -5.44 10.09 -7.60
CGA HEC L . -6.06 8.72 -7.70
O1A HEC L . -5.37 7.70 -7.42
O2A HEC L . -7.25 8.59 -8.07
NB HEC L . -3.10 16.74 -6.80
C1B HEC L . -3.40 16.58 -8.13
C2B HEC L . -3.04 17.80 -8.81
C3B HEC L . -2.53 18.63 -7.91
C4B HEC L . -2.55 17.98 -6.60
CMB HEC L . -3.21 18.08 -10.31
CAB HEC L . -2.05 20.08 -8.14
CBB HEC L . -3.24 20.96 -8.58
NC HEC L . -2.95 16.73 -3.89
C1C HEC L . -2.25 17.88 -4.14
C2C HEC L . -1.76 18.40 -2.89
C3C HEC L . -2.11 17.53 -1.90
C4C HEC L . -2.87 16.49 -2.54
CMC HEC L . -0.89 19.68 -2.80
CAC HEC L . -1.86 17.47 -0.36
CBC HEC L . -2.18 18.69 0.52
ND HEC L . -4.58 14.28 -3.67
C1D HEC L . -4.27 14.49 -2.35
C2D HEC L . -4.95 13.51 -1.55
C3D HEC L . -5.72 12.65 -2.54
C4D HEC L . -5.43 13.20 -3.83
CMD HEC L . -4.82 13.39 -0.02
CAD HEC L . -6.59 11.40 -2.25
CBD HEC L . -5.71 10.21 -2.63
CGD HEC L . -6.42 8.98 -2.11
O1D HEC L . -6.51 8.77 -0.85
O2D HEC L . -6.91 8.21 -3.00
FE HEC M . -7.11 -2.89 14.02
CHA HEC M . -9.40 -4.84 15.84
CHB HEC M . -8.37 -0.15 15.64
CHC HEC M . -4.59 -0.91 12.75
CHD HEC M . -6.25 -5.39 12.18
NA HEC M . -8.65 -2.56 15.49
C1A HEC M . -9.48 -3.50 16.03
C2A HEC M . -10.41 -2.77 16.90
C3A HEC M . -10.15 -1.45 16.84
C4A HEC M . -8.99 -1.32 15.95
CMA HEC M . -10.91 -0.23 17.52
CAA HEC M . -11.58 -3.44 17.60
CBA HEC M . -11.32 -4.22 18.85
CGA HEC M . -12.66 -4.80 19.30
O1A HEC M . -13.70 -4.67 18.60
O2A HEC M . -12.67 -5.41 20.40
NB HEC M . -6.56 -0.87 14.14
C1B HEC M . -7.24 0.07 14.89
C2B HEC M . -6.47 1.30 14.89
C3B HEC M . -5.43 1.14 14.07
C4B HEC M . -5.48 -0.25 13.59
CMB HEC M . -6.89 2.62 15.56
CAB HEC M . -4.38 2.24 13.72
CBB HEC M . -3.65 2.89 14.94
NC HEC M . -5.71 -3.09 12.63
C1C HEC M . -4.73 -2.19 12.30
C2C HEC M . -3.71 -2.92 11.53
C3C HEC M . -4.32 -4.10 11.18
C4C HEC M . -5.51 -4.26 12.05
CMC HEC M . -2.67 -2.02 10.84
CAC HEC M . -3.86 -5.33 10.28
CBC HEC M . -2.33 -5.29 10.11
ND HEC M . -7.67 -4.85 14.08
C1D HEC M . -7.14 -5.72 13.13
C2D HEC M . -7.77 -7.04 13.30
C3D HEC M . -8.75 -6.86 14.45
C4D HEC M . -8.66 -5.46 14.85
CMD HEC M . -7.54 -8.31 12.53
CAD HEC M . -9.75 -7.96 14.86
CBD HEC M . -9.48 -8.82 16.03
CGD HEC M . -10.90 -9.37 16.28
O1D HEC M . -11.66 -9.89 15.44
O2D HEC M . -11.25 -9.17 17.39
FE HEC N . -13.45 -6.72 4.79
CHA HEC N . -13.48 -7.49 1.39
CHB HEC N . -10.55 -8.42 5.08
CHC HEC N . -13.19 -5.67 8.12
CHD HEC N . -16.59 -5.68 4.68
NA HEC N . -12.23 -7.83 3.48
C1A HEC N . -12.40 -7.94 2.12
C2A HEC N . -11.26 -8.62 1.59
C3A HEC N . -10.46 -8.95 2.63
C4A HEC N . -11.06 -8.41 3.82
CMA HEC N . -9.11 -9.64 2.54
CAA HEC N . -11.06 -8.97 0.08
CBA HEC N . -10.35 -7.87 -0.72
CGA HEC N . -10.64 -6.42 -0.38
O1A HEC N . -9.78 -5.72 0.24
O2A HEC N . -11.70 -5.87 -0.82
NB HEC N . -12.06 -6.97 6.36
C1B HEC N . -10.93 -7.70 6.21
C2B HEC N . -10.20 -7.58 7.46
C3B HEC N . -10.90 -6.82 8.32
C4B HEC N . -12.11 -6.40 7.61
CMB HEC N . -8.87 -8.28 7.75
CAB HEC N . -10.55 -6.46 9.78
CBB HEC N . -9.29 -5.51 9.95
NC HEC N . -14.69 -5.89 6.19
C1C HEC N . -14.40 -5.46 7.46
C2C HEC N . -15.64 -4.93 8.03
C3C HEC N . -16.47 -4.71 6.99
C4C HEC N . -15.95 -5.46 5.86
CMC HEC N . -15.54 -4.11 9.33
CAC HEC N . -17.89 -4.02 6.94
CBC HEC N . -18.75 -4.09 8.21
ND HEC N . -14.85 -6.67 3.21
C1D HEC N . -16.07 -6.04 3.46
C2D HEC N . -16.73 -5.78 2.19
C3D HEC N . -15.79 -6.37 1.12
C4D HEC N . -14.65 -6.90 1.87
CMD HEC N . -18.12 -5.12 2.07
CAD HEC N . -16.01 -6.40 -0.39
CBD HEC N . -15.32 -5.30 -1.18
CGD HEC N . -15.64 -3.99 -0.52
O1D HEC N . -16.84 -3.65 -0.27
O2D HEC N . -14.66 -3.25 -0.24
FE HEC O . 1.61 -9.42 9.58
CHA HEC O . 4.85 -9.39 10.80
CHB HEC O . 0.95 -12.18 11.50
CHC HEC O . -1.58 -9.18 8.82
CHD HEC O . 2.46 -6.91 7.48
NA HEC O . 2.61 -10.47 10.74
C1A HEC O . 3.96 -10.37 11.13
C2A HEC O . 4.32 -11.42 12.03
C3A HEC O . 3.25 -12.21 12.12
C4A HEC O . 2.19 -11.62 11.38
CMA HEC O . 3.12 -13.48 12.98
CAA HEC O . 5.67 -11.76 12.73
CBA HEC O . 5.87 -10.71 13.89
CGA HEC O . 4.75 -10.97 14.90
O1A HEC O . 4.84 -11.94 15.69
O2A HEC O . 3.68 -10.27 14.91
NB HEC O . -0.03 -10.53 10.13
C1B HEC O . -0.10 -11.55 10.96
C2B HEC O . -1.51 -11.91 11.09
C3B HEC O . -2.23 -11.07 10.30
C4B HEC O . -1.25 -10.15 9.69
CMB HEC O . -1.89 -13.19 11.84
CAB HEC O . -3.72 -10.86 9.93
CBB HEC O . -4.81 -11.14 10.97
NC HEC O . 0.70 -8.34 8.32
C1C HEC O . -0.71 -8.30 8.19
C2C HEC O . -1.10 -7.38 7.18
C3C HEC O . 0.00 -6.70 6.80
C4C HEC O . 1.11 -7.25 7.58
CMC HEC O . -2.58 -7.09 6.78
CAC HEC O . 0.16 -5.46 5.83
CBC HEC O . -1.05 -4.66 5.27
ND HEC O . 3.41 -8.35 9.25
C1D HEC O . 3.46 -7.35 8.33
C2D HEC O . 4.76 -6.68 8.39
C3D HEC O . 5.47 -7.37 9.49
C4D HEC O . 4.56 -8.43 9.89
CMD HEC O . 5.09 -5.51 7.44
CAD HEC O . 6.91 -7.19 10.08
CBD HEC O . 7.57 -5.89 9.56
CGD HEC O . 8.50 -6.37 8.46
O1D HEC O . 8.79 -5.62 7.52
O2D HEC O . 8.92 -7.54 8.54
FE HEC P . 11.03 -15.70 2.88
CHA HEC P . 8.80 -18.26 3.47
CHB HEC P . 8.87 -13.43 4.16
CHC HEC P . 13.32 -13.31 2.31
CHD HEC P . 13.18 -18.07 1.37
NA HEC P . 9.10 -15.82 3.78
C1A HEC P . 8.35 -16.97 3.81
C2A HEC P . 7.01 -16.54 4.27
C3A HEC P . 7.02 -15.18 4.46
C4A HEC P . 8.39 -14.71 4.12
CMA HEC P . 5.92 -14.26 4.95
CAA HEC P . 5.86 -17.52 4.41
CBA HEC P . 5.29 -17.60 3.00
CGA HEC P . 3.88 -18.14 3.11
O1A HEC P . 3.69 -19.26 2.62
O2A HEC P . 2.96 -17.50 3.74
NB HEC P . 11.10 -13.67 3.19
C1B HEC P . 10.04 -12.92 3.69
C2B HEC P . 10.46 -11.53 3.80
C3B HEC P . 11.72 -11.44 3.23
C4B HEC P . 12.14 -12.85 2.90
CMB HEC P . 9.51 -10.41 4.25
CAB HEC P . 12.61 -10.15 3.03
CBB HEC P . 12.83 -9.34 4.38
NC HEC P . 12.93 -15.73 1.91
C1C HEC P . 13.66 -14.59 1.89
C2C HEC P . 14.96 -14.99 1.34
C3C HEC P . 14.95 -16.34 0.91
C4C HEC P . 13.67 -16.80 1.45
CMC HEC P . 15.87 -13.83 0.99
CAC HEC P . 16.12 -17.14 0.19
CBC HEC P . 17.40 -17.01 1.01
ND HEC P . 11.00 -17.81 2.44
C1D HEC P . 12.05 -18.55 1.87
C2D HEC P . 11.64 -19.97 1.76
C3D HEC P . 10.29 -20.02 2.41
C4D HEC P . 9.96 -18.64 2.84
CMD HEC P . 12.36 -21.13 1.15
CAD HEC P . 9.44 -21.27 2.57
CBD HEC P . 8.39 -21.21 1.50
CGD HEC P . 7.68 -22.56 1.43
O1D HEC P . 7.70 -23.35 2.40
O2D HEC P . 7.03 -22.78 0.38
FE HEC Q . -5.53 -19.70 8.50
CHA HEC Q . -8.77 -18.63 9.51
CHB HEC Q . -6.68 -22.71 7.81
CHC HEC Q . -2.40 -20.59 7.10
CHD HEC Q . -4.21 -16.84 9.52
NA HEC Q . -7.49 -20.52 8.64
C1A HEC Q . -8.63 -19.93 9.07
C2A HEC Q . -9.66 -20.95 9.01
C3A HEC Q . -9.07 -22.06 8.55
C4A HEC Q . -7.64 -21.80 8.30
CMA HEC Q . -9.64 -23.48 8.24
CAA HEC Q . -11.09 -20.60 9.41
CBA HEC Q . -11.48 -20.98 10.84
CGA HEC Q . -12.87 -20.39 10.99
O1A HEC Q . -13.01 -19.22 11.38
O2A HEC Q . -13.90 -21.08 10.68
NB HEC Q . -4.63 -21.38 7.61
C1B HEC Q . -5.37 -22.53 7.40
C2B HEC Q . -4.52 -23.47 6.62
C3B HEC Q . -3.31 -22.87 6.42
C4B HEC Q . -3.39 -21.53 7.04
CMB HEC Q . -4.97 -24.91 6.22
CAB HEC Q . -2.09 -23.47 5.68
CBB HEC Q . -2.43 -23.66 4.16
NC HEC Q . -3.57 -18.87 8.32
C1C HEC Q . -2.47 -19.37 7.71
C2C HEC Q . -1.37 -18.39 7.89
C3C HEC Q . -1.91 -17.29 8.50
C4C HEC Q . -3.32 -17.63 8.80
CMC HEC Q . 0.00 -18.67 7.21
CAC HEC Q . -1.32 -15.92 9.05
CBC HEC Q . -0.23 -15.18 8.24
ND HEC Q . -6.36 -17.97 9.37
C1D HEC Q . -5.54 -16.95 9.78
C2D HEC Q . -6.37 -16.01 10.53
C3D HEC Q . -7.77 -16.58 10.45
C4D HEC Q . -7.69 -17.79 9.73
CMD HEC Q . -6.08 -14.66 11.19
CAD HEC Q . -9.02 -16.00 11.08
CBD HEC Q . -9.08 -16.68 12.45
CGD HEC Q . -10.49 -16.28 12.80
O1D HEC Q . -10.74 -15.01 12.80
O2D HEC Q . -11.34 -17.24 12.97
FE HEC R . 23.90 -23.98 -1.34
CHA HEC R . 25.76 -25.78 -3.17
CHB HEC R . 24.54 -26.04 1.46
CHC HEC R . 22.14 -21.89 0.67
CHD HEC R . 22.85 -22.09 -4.11
NA HEC R . 24.92 -25.57 -0.83
C1A HEC R . 25.69 -26.20 -1.85
C2A HEC R . 26.39 -27.34 -1.30
C3A HEC R . 26.09 -27.44 0.01
C4A HEC R . 25.11 -26.38 0.27
CMA HEC R . 26.57 -28.53 1.04
CAA HEC R . 27.36 -28.31 -2.04
CBA HEC R . 28.83 -27.94 -1.80
CGA HEC R . 29.80 -28.85 -2.58
O1A HEC R . 31.02 -28.66 -2.43
O2A HEC R . 29.41 -29.76 -3.37
NB HEC R . 23.44 -23.98 0.57
C1B HEC R . 23.80 -24.90 1.56
C2B HEC R . 23.27 -24.49 2.81
C3B HEC R . 22.63 -23.33 2.64
C4B HEC R . 22.72 -22.98 1.24
CMB HEC R . 23.55 -25.40 4.02
CAB HEC R . 21.86 -22.44 3.69
CBB HEC R . 22.66 -22.36 4.99
NC HEC R . 22.72 -22.38 -1.69
C1C HEC R . 22.12 -21.60 -0.66
C2C HEC R . 21.41 -20.51 -1.19
C3C HEC R . 21.73 -20.52 -2.54
C4C HEC R . 22.48 -21.70 -2.85
CMC HEC R . 20.78 -19.34 -0.29
CAC HEC R . 21.33 -19.55 -3.66
CBC HEC R . 21.79 -18.10 -3.41
ND HEC R . 24.22 -23.87 -3.31
C1D HEC R . 23.67 -23.14 -4.33
C2D HEC R . 24.19 -23.58 -5.64
C3D HEC R . 25.09 -24.68 -5.32
C4D HEC R . 25.05 -24.84 -3.86
CMD HEC R . 23.81 -22.96 -7.00
CAD HEC R . 25.83 -25.62 -6.35
CBD HEC R . 24.87 -26.80 -6.43
CGD HEC R . 25.38 -27.80 -7.47
O1D HEC R . 24.62 -28.50 -8.10
O2D HEC R . 26.58 -27.92 -7.71
FE HEC S . 14.81 -26.76 -9.37
CHA HEC S . 11.79 -25.71 -10.80
CHB HEC S . 16.45 -24.18 -10.63
CHC HEC S . 17.67 -27.78 -7.70
CHD HEC S . 13.33 -29.76 -8.63
NA HEC S . 14.28 -25.35 -10.44
C1A HEC S . 12.98 -25.00 -10.90
C2A HEC S . 13.07 -23.71 -11.53
C3A HEC S . 14.38 -23.32 -11.56
C4A HEC S . 15.14 -24.29 -10.85
CMA HEC S . 14.94 -21.99 -12.11
CAA HEC S . 11.79 -23.02 -12.14
CBA HEC S . 11.32 -21.83 -11.27
CGA HEC S . 10.89 -22.36 -9.93
O1A HEC S . 9.71 -22.81 -9.82
O2A HEC S . 11.68 -22.43 -8.98
NB HEC S . 16.73 -26.12 -9.23
C1B HEC S . 17.16 -24.99 -9.79
C2B HEC S . 18.46 -24.66 -9.24
C3B HEC S . 18.81 -25.71 -8.46
C4B HEC S . 17.66 -26.59 -8.37
CMB HEC S . 19.33 -23.50 -9.81
CAB HEC S . 20.04 -26.07 -7.63
CBB HEC S . 20.64 -24.89 -6.74
NC HEC S . 15.47 -28.41 -8.34
C1C HEC S . 16.67 -28.71 -7.75
C2C HEC S . 16.54 -29.92 -7.01
C3C HEC S . 15.38 -30.49 -7.37
C4C HEC S . 14.65 -29.55 -8.17
CMC HEC S . 17.72 -30.62 -6.41
CAC HEC S . 14.77 -31.85 -7.00
CBC HEC S . 15.15 -32.47 -5.68
ND HEC S . 12.85 -27.66 -9.74
C1D HEC S . 12.51 -28.86 -9.25
C2D HEC S . 11.07 -29.04 -9.53
C3D HEC S . 10.53 -27.76 -10.16
C4D HEC S . 11.74 -26.98 -10.26
CMD HEC S . 10.26 -30.33 -9.15
CAD HEC S . 9.04 -27.27 -10.57
CBD HEC S . 8.13 -26.38 -9.43
CGD HEC S . 8.54 -25.21 -8.41
O1D HEC S . 7.87 -24.22 -7.69
O2D HEC S . 9.76 -25.29 -8.26
FE HEC T . 24.65 -14.18 -7.07
CHA HEC T . 26.68 -11.84 -5.84
CHB HEC T . 27.20 -15.41 -9.02
CHC HEC T . 22.87 -17.05 -7.63
CHD HEC T . 22.09 -13.18 -4.83
NA HEC T . 26.66 -13.72 -7.37
C1A HEC T . 27.25 -12.61 -6.80
C2A HEC T . 28.59 -12.42 -7.46
C3A HEC T . 28.71 -13.41 -8.40
C4A HEC T . 27.48 -14.28 -8.32
CMA HEC T . 29.86 -13.69 -9.32
CAA HEC T . 29.56 -11.24 -7.18
CBA HEC T . 30.16 -11.52 -5.81
CGA HEC T . 30.90 -10.27 -5.37
O1A HEC T . 30.84 -9.91 -4.08
O2A HEC T . 31.45 -9.67 -6.41
NB HEC T . 24.97 -15.96 -8.13
C1B HEC T . 26.10 -16.23 -8.90
C2B HEC T . 25.92 -17.59 -9.51
C3B HEC T . 24.68 -18.07 -9.14
C4B HEC T . 24.09 -17.02 -8.24
CMB HEC T . 27.03 -18.16 -10.47
CAB HEC T . 23.97 -19.47 -9.50
CBB HEC T . 25.05 -20.65 -9.33
NC HEC T . 22.80 -14.98 -6.31
C1C HEC T . 22.24 -16.10 -6.88
C2C HEC T . 20.85 -16.21 -6.38
C3C HEC T . 20.63 -15.16 -5.49
C4C HEC T . 21.86 -14.35 -5.55
CMC HEC T . 20.06 -17.45 -6.80
CAC HEC T . 19.38 -14.60 -4.69
CBC HEC T . 18.49 -15.79 -4.18
ND HEC T . 24.37 -12.73 -5.54
C1D HEC T . 23.27 -12.52 -4.77
C2D HEC T . 23.57 -11.39 -3.87
C3D HEC T . 24.97 -10.96 -4.18
C4D HEC T . 25.42 -11.87 -5.26
CMD HEC T . 22.60 -10.77 -2.86
CAD HEC T . 25.79 -9.83 -3.50
CBD HEC T . 26.43 -10.61 -2.32
CGD HEC T . 27.38 -9.61 -1.66
O1D HEC T . 28.41 -9.30 -2.28
O2D HEC T . 27.17 -9.13 -0.54
FE HEC U . 26.12 -18.32 -18.20
CHA HEC U . 26.70 -21.70 -18.21
CHB HEC U . 26.19 -18.23 -21.60
CHC HEC U . 25.65 -14.83 -18.22
CHD HEC U . 25.92 -18.27 -14.80
NA HEC U . 26.44 -19.76 -19.61
C1A HEC U . 26.62 -21.10 -19.45
C2A HEC U . 26.81 -21.73 -20.78
C3A HEC U . 26.63 -20.75 -21.72
C4A HEC U . 26.39 -19.46 -20.99
CMA HEC U . 26.69 -20.79 -23.26
CAA HEC U . 27.09 -23.24 -21.00
CBA HEC U . 28.44 -23.56 -20.44
CGA HEC U . 29.63 -23.25 -21.37
O1A HEC U . 29.47 -22.90 -22.54
O2A HEC U . 30.78 -23.31 -20.88
NB HEC U . 25.93 -16.80 -19.61
C1B HEC U . 26.05 -17.01 -20.98
C2B HEC U . 25.94 -15.72 -21.65
C3B HEC U . 25.78 -14.78 -20.72
C4B HEC U . 25.75 -15.46 -19.43
CMB HEC U . 26.02 -15.48 -23.19
CAB HEC U . 25.62 -13.25 -20.90
CBB HEC U . 24.53 -12.76 -21.87
NC HEC U . 25.87 -16.80 -16.74
C1C HEC U . 25.73 -15.48 -16.98
C2C HEC U . 25.41 -14.83 -15.73
C3C HEC U . 25.69 -15.73 -14.75
C4C HEC U . 25.85 -17.03 -15.42
CMC HEC U . 25.40 -13.31 -15.76
CAC HEC U . 25.62 -15.77 -13.23
CBC HEC U . 24.93 -14.65 -12.42
ND HEC U . 26.26 -19.74 -16.81
C1D HEC U . 26.12 -19.50 -15.42
C2D HEC U . 26.27 -20.74 -14.66
C3D HEC U . 26.56 -21.83 -15.72
C4D HEC U . 26.51 -21.11 -16.99
CMD HEC U . 26.24 -20.98 -13.11
CAD HEC U . 26.88 -23.32 -15.49
CBD HEC U . 28.47 -23.27 -15.65
CGD HEC U . 29.32 -24.43 -16.11
O1D HEC U . 29.13 -25.50 -15.43
O2D HEC U . 30.21 -24.32 -17.09
C1 GOL V . -14.10 15.46 -13.03
O1 GOL V . -12.82 15.94 -12.66
C2 GOL V . -14.11 13.93 -13.08
O2 GOL V . -14.82 13.49 -14.21
C3 GOL V . -12.71 13.32 -13.07
O3 GOL V . -12.73 11.93 -13.33
C1 GOL W . 6.68 -10.06 -9.04
O1 GOL W . 6.88 -11.25 -8.31
C2 GOL W . 8.03 -9.48 -9.43
O2 GOL W . 8.89 -9.51 -8.29
C3 GOL W . 8.66 -10.21 -10.62
O3 GOL W . 8.85 -9.35 -11.75
C1 GOL X . 10.74 -22.19 -5.71
O1 GOL X . 11.83 -21.99 -6.53
C2 GOL X . 9.82 -23.23 -6.35
O2 GOL X . 9.10 -23.88 -5.32
C3 GOL X . 8.85 -22.67 -7.37
O3 GOL X . 8.97 -23.44 -8.50
C1 GOL Y . -13.22 -13.06 15.88
O1 GOL Y . -12.60 -13.94 16.79
C2 GOL Y . -13.55 -13.78 14.58
O2 GOL Y . -12.38 -14.01 13.81
C3 GOL Y . -14.39 -15.05 14.83
O3 GOL Y . -15.54 -15.06 13.99
C1 GOL Z . -10.91 -3.01 -2.27
O1 GOL Z . -11.64 -1.93 -2.81
C2 GOL Z . -10.87 -2.54 -0.87
O2 GOL Z . -9.62 -2.85 -0.25
C3 GOL Z . -10.94 -1.07 -1.13
O3 GOL Z . -11.34 -0.51 0.09
#